data_4QQU
#
_entry.id   4QQU
#
_cell.length_a   74.978
_cell.length_b   99.102
_cell.length_c   103.902
_cell.angle_alpha   90.00
_cell.angle_beta   90.00
_cell.angle_gamma   90.00
#
_symmetry.space_group_name_H-M   'P 21 21 21'
#
loop_
_entity.id
_entity.type
_entity.pdbx_description
1 polymer '5-methyltetrahydropteroyltriglutamate--homocysteine methyltransferase'
2 non-polymer '2-AMINO-4-MERCAPTO-BUTYRIC ACID'
3 non-polymer 'ZINC ION'
4 non-polymer 'PHOSPHATE ION'
5 non-polymer 'N-[4-({[(6S)-2-amino-4-oxo-3,4,5,6,7,8-hexahydropteridin-6-yl]methyl}amino)benzoyl]-L-gamma-glutamyl-L-gamma-glutamyl-L-glutamic acid'
6 water water
#
_entity_poly.entity_id   1
_entity_poly.type   'polypeptide(L)'
_entity_poly.pdbx_seq_one_letter_code
;MHHHHHHSSGVDLGTENLYFQSMVQSSVLGFPRIGGQRELKKITEAYWSGKATVEELLAKGKELREHNWKLQQKAGVDII
PSNDFSYYDQVLDLSLLFNAIPERYTKFDLAPIDVLFAMGRGLQAAATATQAAVDVTALEMVKWFDSNYHYVRPTFSHST
EFKLNTAAGIKPVDEFNEAKALGVQTRPVILGPVSYLYLGKADKDSLDLEPISLLPKILPVYKELLQKLKEAGAEQVQID
EPVLVLDLPEAVQSKFKEAYDALVGADVPELILTTYFGDVRPNLKAIENLPVAGFHFDFVRVPEQLDEVASILKDGQTLS
AGVVDGRNIWKTDFAKASAVVQKAIEKVGKDKVVVATSSSLLHTPVDLESETKLDAVIKDWFSFATQKLDEVVVIAKNVS
GEDVSKQLEANAASIKARSESSITNDPKVQERLTTINEALATRKAAFPERLTEQKAKYNLPLFPTTTIGSFPQTKDIRIN
RNKFAKGQITAEEYEAFINKEIETVVRFQEEIGLDVLVHGEPERNDMVQYFGEQLNGFAFTTNGWVQSYGSRYVRPPIIV
GDVSRPKAMTVKESVYAQSITSKPMKGMLTGPVTILRWSFPRDDVSGKIQALQLGLALRDEVNDLEGAGITVIQVDEPAI
REGLPLRAGKERSDYLNWAAQSFRVATSGVENSTQIHSHFCYSDLDPNHIKALDADVVSIEFSKKDDPNYIQEFSEYPNH
IGLGLFDIHSPRIPSKQEFVSRIEEILKVYPASKFWVNPDCGLKTRGWPEVKESLTNMVEAAKEFRAKY
;
_entity_poly.pdbx_strand_id   A
#
loop_
_chem_comp.id
_chem_comp.type
_chem_comp.name
_chem_comp.formula
39S peptide-like 'N-[4-({[(6S)-2-amino-4-oxo-3,4,5,6,7,8-hexahydropteridin-6-yl]methyl}amino)benzoyl]-L-gamma-glutamyl-L-gamma-glutamyl-L-glutamic acid' 'C29 H37 N9 O12'
PO4 non-polymer 'PHOSPHATE ION' 'O4 P -3'
ZN non-polymer 'ZINC ION' 'Zn 2'
#
# COMPACT_ATOMS: atom_id res chain seq x y z
N MET A 23 -33.01 10.79 15.42
CA MET A 23 -31.60 10.93 15.92
C MET A 23 -30.67 10.05 15.10
N VAL A 24 -30.09 10.64 14.06
CA VAL A 24 -29.33 9.93 13.05
C VAL A 24 -28.05 9.33 13.58
N GLN A 25 -27.75 8.09 13.23
CA GLN A 25 -26.64 7.41 13.87
C GLN A 25 -25.32 7.61 13.15
N SER A 26 -24.23 7.41 13.88
CA SER A 26 -22.86 7.47 13.31
C SER A 26 -22.23 6.09 13.23
N SER A 27 -21.39 5.91 12.22
CA SER A 27 -20.72 4.63 11.98
C SER A 27 -19.26 4.81 11.53
N VAL A 28 -18.39 3.90 11.98
CA VAL A 28 -17.00 3.88 11.60
C VAL A 28 -16.78 2.52 11.02
N LEU A 29 -16.00 2.44 9.93
CA LEU A 29 -15.83 1.19 9.16
C LEU A 29 -14.60 0.38 9.56
N GLY A 30 -13.74 0.97 10.36
CA GLY A 30 -12.48 0.36 10.69
C GLY A 30 -11.60 1.43 11.24
N PHE A 31 -10.80 1.05 12.20
CA PHE A 31 -9.86 1.93 12.83
C PHE A 31 -8.44 1.35 12.78
N PRO A 32 -7.43 2.24 12.63
CA PRO A 32 -6.02 1.85 12.58
C PRO A 32 -5.56 1.15 13.85
N ARG A 33 -4.95 -0.02 13.68
CA ARG A 33 -4.59 -0.89 14.80
C ARG A 33 -3.17 -0.67 15.27
N ILE A 34 -2.36 0.07 14.50
CA ILE A 34 -0.94 0.17 14.82
C ILE A 34 -0.58 0.80 16.18
N GLY A 35 -1.44 1.65 16.73
CA GLY A 35 -1.16 2.33 17.99
C GLY A 35 -0.67 3.75 17.81
N GLY A 36 -0.91 4.59 18.80
CA GLY A 36 -0.37 5.94 18.80
C GLY A 36 1.16 6.01 18.90
N GLN A 37 1.81 4.98 19.42
CA GLN A 37 3.28 4.91 19.46
C GLN A 37 3.69 3.62 18.78
N ARG A 38 2.98 3.23 17.75
CA ARG A 38 3.34 2.01 17.07
C ARG A 38 3.63 0.88 18.05
N GLU A 39 2.95 0.91 19.17
CA GLU A 39 2.95 -0.19 20.09
C GLU A 39 2.94 -1.53 19.39
N LEU A 40 2.05 -1.65 18.42
CA LEU A 40 1.83 -2.93 17.74
C LEU A 40 3.06 -3.45 17.01
N LYS A 41 3.66 -2.57 16.22
CA LYS A 41 4.94 -2.86 15.55
C LYS A 41 5.96 -3.40 16.57
N LYS A 42 6.16 -2.63 17.61
CA LYS A 42 7.22 -2.88 18.57
C LYS A 42 7.06 -4.27 19.19
N ILE A 43 5.82 -4.66 19.51
CA ILE A 43 5.59 -5.97 20.10
C ILE A 43 5.73 -7.09 19.06
N THR A 44 5.21 -6.84 17.87
CA THR A 44 5.27 -7.84 16.80
C THR A 44 6.74 -8.15 16.47
N GLU A 45 7.54 -7.12 16.35
CA GLU A 45 8.94 -7.29 15.94
C GLU A 45 9.79 -7.98 17.07
N ALA A 46 9.51 -7.59 18.31
CA ALA A 46 9.95 -8.30 19.50
C ALA A 46 9.60 -9.80 19.43
N TYR A 47 8.32 -10.11 19.23
CA TYR A 47 7.93 -11.51 19.14
C TYR A 47 8.70 -12.23 18.02
N TRP A 48 8.82 -11.59 16.87
CA TRP A 48 9.52 -12.22 15.79
C TRP A 48 10.97 -12.45 16.12
N SER A 49 11.60 -11.50 16.79
CA SER A 49 13.00 -11.68 17.21
C SER A 49 13.23 -12.41 18.57
N GLY A 50 12.21 -13.08 19.11
CA GLY A 50 12.34 -13.89 20.32
C GLY A 50 12.65 -13.09 21.58
N LYS A 51 12.12 -11.87 21.66
CA LYS A 51 12.36 -10.99 22.79
C LYS A 51 11.06 -10.75 23.56
N ALA A 52 9.95 -11.32 23.06
CA ALA A 52 8.62 -11.23 23.66
C ALA A 52 7.90 -12.57 23.45
N THR A 53 7.17 -13.02 24.46
CA THR A 53 6.44 -14.28 24.39
C THR A 53 5.21 -14.13 23.56
N VAL A 54 4.69 -15.27 23.13
CA VAL A 54 3.41 -15.29 22.49
C VAL A 54 2.33 -14.75 23.44
N GLU A 55 2.47 -14.97 24.75
CA GLU A 55 1.49 -14.45 25.70
C GLU A 55 1.52 -12.92 25.65
N GLU A 56 2.72 -12.37 25.50
CA GLU A 56 2.94 -10.94 25.56
C GLU A 56 2.47 -10.19 24.31
N LEU A 57 2.68 -10.79 23.15
CA LEU A 57 2.04 -10.32 21.92
C LEU A 57 0.50 -10.25 22.04
N LEU A 58 -0.15 -11.36 22.38
CA LEU A 58 -1.62 -11.37 22.52
C LEU A 58 -2.14 -10.45 23.59
N ALA A 59 -1.38 -10.31 24.67
CA ALA A 59 -1.71 -9.40 25.76
C ALA A 59 -1.85 -7.99 25.21
N LYS A 60 -0.85 -7.54 24.46
CA LYS A 60 -0.81 -6.17 23.93
C LYS A 60 -1.85 -5.93 22.84
N GLY A 61 -2.10 -6.96 22.02
CA GLY A 61 -3.21 -6.90 21.08
C GLY A 61 -4.45 -6.45 21.84
N LYS A 62 -4.79 -7.22 22.86
CA LYS A 62 -5.96 -6.93 23.65
C LYS A 62 -5.96 -5.47 24.09
N GLU A 63 -4.85 -5.05 24.67
CA GLU A 63 -4.68 -3.71 25.21
C GLU A 63 -5.02 -2.64 24.16
N LEU A 64 -4.53 -2.80 22.95
CA LEU A 64 -4.84 -1.84 21.89
C LEU A 64 -6.30 -1.91 21.49
N ARG A 65 -6.77 -3.11 21.20
CA ARG A 65 -8.17 -3.30 20.87
C ARG A 65 -9.06 -2.51 21.86
N GLU A 66 -8.85 -2.77 23.15
CA GLU A 66 -9.55 -2.09 24.26
C GLU A 66 -9.48 -0.57 24.12
N HIS A 67 -8.30 -0.03 23.88
CA HIS A 67 -8.10 1.42 23.83
C HIS A 67 -8.93 2.11 22.76
N ASN A 68 -8.81 1.58 21.54
CA ASN A 68 -9.48 2.11 20.38
C ASN A 68 -10.99 1.99 20.44
N TRP A 69 -11.52 0.87 20.92
CA TRP A 69 -12.96 0.78 21.15
C TRP A 69 -13.37 1.88 22.10
N LYS A 70 -12.71 1.97 23.25
CA LYS A 70 -13.08 2.96 24.26
C LYS A 70 -12.97 4.36 23.66
N LEU A 71 -11.98 4.53 22.81
CA LEU A 71 -11.75 5.85 22.29
C LEU A 71 -12.95 6.33 21.48
N GLN A 72 -13.42 5.44 20.63
CA GLN A 72 -14.53 5.72 19.75
C GLN A 72 -15.79 5.82 20.57
N GLN A 73 -15.89 5.00 21.61
CA GLN A 73 -17.10 5.00 22.39
C GLN A 73 -17.23 6.36 22.98
N LYS A 74 -16.15 6.83 23.60
CA LYS A 74 -16.16 8.16 24.16
C LYS A 74 -16.42 9.20 23.12
N ALA A 75 -15.94 9.01 21.90
CA ALA A 75 -16.12 10.04 20.89
C ALA A 75 -17.57 10.27 20.56
N GLY A 76 -18.47 9.33 20.87
CA GLY A 76 -19.87 9.43 20.50
C GLY A 76 -20.31 8.54 19.35
N VAL A 77 -19.40 7.82 18.70
CA VAL A 77 -19.76 6.86 17.63
C VAL A 77 -20.70 5.78 18.16
N ASP A 78 -21.72 5.53 17.35
CA ASP A 78 -22.77 4.60 17.67
C ASP A 78 -22.36 3.19 17.16
N ILE A 79 -22.01 3.11 15.88
CA ILE A 79 -21.64 1.81 15.30
C ILE A 79 -20.13 1.63 15.28
N ILE A 80 -19.64 0.66 16.03
CA ILE A 80 -18.23 0.54 16.31
C ILE A 80 -17.65 -0.82 15.88
N PRO A 81 -16.67 -0.79 14.95
CA PRO A 81 -16.14 -1.99 14.35
C PRO A 81 -15.42 -2.93 15.29
N SER A 82 -15.46 -4.22 15.00
CA SER A 82 -14.66 -5.23 15.67
C SER A 82 -14.10 -6.16 14.57
N ASN A 83 -12.97 -6.82 14.81
CA ASN A 83 -12.27 -7.63 13.80
C ASN A 83 -11.52 -6.78 12.78
N ASP A 84 -11.64 -5.45 12.86
CA ASP A 84 -10.72 -4.53 12.14
C ASP A 84 -9.26 -4.67 12.61
N PHE A 85 -9.08 -5.13 13.86
CA PHE A 85 -7.76 -5.45 14.35
C PHE A 85 -7.12 -6.57 13.55
N SER A 86 -5.80 -6.52 13.45
CA SER A 86 -5.03 -7.59 12.86
C SER A 86 -3.59 -7.45 13.27
N TYR A 87 -2.96 -8.62 13.45
CA TYR A 87 -1.54 -8.69 13.70
C TYR A 87 -0.71 -8.52 12.41
N TYR A 88 -1.34 -8.56 11.24
CA TYR A 88 -0.58 -8.51 9.99
C TYR A 88 -1.48 -8.06 8.87
N ASP A 89 -2.58 -8.77 8.67
CA ASP A 89 -3.50 -8.45 7.58
C ASP A 89 -4.85 -9.17 7.73
N GLN A 90 -5.93 -8.41 7.59
CA GLN A 90 -7.26 -8.92 7.89
C GLN A 90 -7.77 -9.89 6.87
N VAL A 91 -7.16 -9.83 5.71
CA VAL A 91 -7.47 -10.81 4.68
C VAL A 91 -6.91 -12.21 5.06
N LEU A 92 -5.60 -12.27 5.24
CA LEU A 92 -4.92 -13.45 5.76
C LEU A 92 -5.63 -13.99 6.98
N ASP A 93 -6.04 -13.08 7.87
CA ASP A 93 -6.79 -13.48 9.04
C ASP A 93 -7.97 -14.39 8.69
N LEU A 94 -8.69 -14.03 7.64
CA LEU A 94 -9.70 -14.90 7.09
C LEU A 94 -9.12 -16.12 6.41
N SER A 95 -8.09 -15.96 5.58
CA SER A 95 -7.49 -17.14 5.00
C SER A 95 -7.16 -18.15 6.12
N LEU A 96 -6.89 -17.68 7.33
CA LEU A 96 -6.67 -18.62 8.42
C LEU A 96 -7.95 -19.21 8.96
N LEU A 97 -8.92 -18.37 9.14
CA LEU A 97 -10.13 -18.78 9.81
C LEU A 97 -10.84 -19.83 9.02
N PHE A 98 -10.80 -19.65 7.70
CA PHE A 98 -11.48 -20.52 6.77
C PHE A 98 -10.62 -21.65 6.30
N ASN A 99 -9.34 -21.58 6.64
CA ASN A 99 -8.42 -22.70 6.50
C ASN A 99 -7.82 -22.84 5.12
N ALA A 100 -7.89 -21.76 4.34
CA ALA A 100 -7.16 -21.65 3.08
C ALA A 100 -5.68 -21.48 3.41
N ILE A 101 -5.04 -22.58 3.78
CA ILE A 101 -3.67 -22.58 4.22
C ILE A 101 -2.89 -23.62 3.41
N PRO A 102 -2.14 -23.16 2.41
CA PRO A 102 -1.42 -24.07 1.57
C PRO A 102 -0.72 -25.16 2.34
N GLU A 103 -0.82 -26.39 1.84
CA GLU A 103 -0.37 -27.58 2.55
C GLU A 103 1.05 -27.43 3.04
N ARG A 104 1.90 -26.87 2.19
CA ARG A 104 3.31 -26.78 2.53
C ARG A 104 3.55 -26.08 3.86
N TYR A 105 2.71 -25.11 4.25
CA TYR A 105 2.77 -24.47 5.61
C TYR A 105 2.37 -25.35 6.82
N THR A 106 1.81 -26.54 6.62
CA THR A 106 1.21 -27.31 7.74
C THR A 106 2.11 -28.37 8.37
N LYS A 107 3.04 -28.92 7.59
CA LYS A 107 3.81 -30.08 8.02
C LYS A 107 5.01 -29.73 8.93
N PHE A 108 4.84 -28.79 9.83
CA PHE A 108 5.93 -28.39 10.71
C PHE A 108 5.49 -28.16 12.15
N ASP A 109 4.27 -28.52 12.49
CA ASP A 109 3.84 -28.35 13.87
C ASP A 109 4.21 -26.91 14.28
N LEU A 110 3.61 -25.94 13.60
CA LEU A 110 3.68 -24.53 14.00
C LEU A 110 2.37 -24.20 14.62
N ALA A 111 2.35 -23.22 15.51
CA ALA A 111 1.08 -22.84 16.10
C ALA A 111 0.33 -21.87 15.22
N PRO A 112 -0.99 -21.88 15.38
CA PRO A 112 -1.76 -21.00 14.52
C PRO A 112 -1.13 -19.64 14.30
N ILE A 113 -0.79 -18.93 15.35
CA ILE A 113 -0.23 -17.61 15.15
C ILE A 113 1.00 -17.61 14.21
N ASP A 114 1.84 -18.65 14.30
CA ASP A 114 3.11 -18.67 13.56
C ASP A 114 2.91 -19.10 12.12
N VAL A 115 1.93 -19.96 11.90
CA VAL A 115 1.51 -20.31 10.56
C VAL A 115 1.05 -19.03 9.90
N LEU A 116 0.34 -18.21 10.64
CA LEU A 116 -0.12 -16.95 10.15
C LEU A 116 1.09 -16.14 9.68
N PHE A 117 2.01 -15.88 10.58
CA PHE A 117 3.19 -15.10 10.23
C PHE A 117 4.07 -15.69 9.10
N ALA A 118 4.11 -17.01 8.99
CA ALA A 118 4.96 -17.68 8.02
C ALA A 118 4.46 -17.45 6.60
N MET A 119 3.15 -17.54 6.42
CA MET A 119 2.51 -17.13 5.16
C MET A 119 2.91 -15.73 4.82
N GLY A 120 2.83 -14.88 5.83
CA GLY A 120 3.29 -13.52 5.75
C GLY A 120 4.72 -13.32 5.28
N ARG A 121 5.70 -13.78 6.05
CA ARG A 121 7.09 -13.39 5.76
C ARG A 121 8.05 -14.56 5.64
N GLY A 122 7.50 -15.75 5.38
CA GLY A 122 8.33 -16.93 5.32
C GLY A 122 8.97 -17.22 6.66
N LEU A 123 9.62 -18.37 6.77
CA LEU A 123 10.24 -18.75 8.02
C LEU A 123 11.41 -19.67 7.73
N GLN A 124 12.48 -19.56 8.50
CA GLN A 124 13.62 -20.42 8.29
C GLN A 124 14.48 -20.50 9.55
N ALA A 125 14.44 -21.62 10.23
CA ALA A 125 15.33 -21.85 11.37
C ALA A 125 15.87 -23.29 11.28
N ALA A 126 17.18 -23.47 11.49
CA ALA A 126 17.76 -24.81 11.57
C ALA A 126 17.35 -25.47 12.87
N ALA A 127 17.46 -26.80 12.88
CA ALA A 127 17.00 -27.64 13.98
C ALA A 127 17.71 -27.34 15.31
N THR A 128 16.90 -27.00 16.33
CA THR A 128 17.41 -26.45 17.59
C THR A 128 17.44 -27.52 18.69
N THR A 130 15.35 -29.16 20.79
CA THR A 130 13.95 -28.87 21.05
C THR A 130 13.27 -28.33 19.80
N GLN A 131 13.50 -27.04 19.51
CA GLN A 131 12.98 -26.35 18.30
C GLN A 131 13.19 -27.22 17.04
N ALA A 132 12.13 -27.36 16.23
CA ALA A 132 12.12 -28.28 15.06
C ALA A 132 12.18 -27.55 13.71
N ALA A 133 13.02 -28.07 12.81
CA ALA A 133 13.53 -27.30 11.65
C ALA A 133 12.53 -27.07 10.51
N VAL A 134 12.37 -25.78 10.16
CA VAL A 134 11.46 -25.30 9.09
C VAL A 134 12.21 -24.47 8.06
N ASP A 135 11.73 -24.52 6.82
CA ASP A 135 12.15 -23.60 5.78
C ASP A 135 11.02 -23.48 4.75
N VAL A 136 10.46 -22.28 4.59
CA VAL A 136 9.27 -22.08 3.75
C VAL A 136 9.10 -20.62 3.40
N THR A 137 8.68 -20.37 2.16
CA THR A 137 8.55 -19.04 1.63
C THR A 137 7.31 -18.30 2.14
N ALA A 138 7.12 -17.09 1.63
CA ALA A 138 6.00 -16.26 1.95
C ALA A 138 5.11 -16.13 0.77
N LEU A 139 3.84 -15.94 1.06
CA LEU A 139 2.86 -15.71 0.04
C LEU A 139 2.97 -14.31 -0.51
N GLU A 140 2.33 -14.13 -1.65
CA GLU A 140 2.21 -12.87 -2.37
C GLU A 140 1.55 -11.80 -1.56
N MET A 141 1.88 -10.57 -1.91
CA MET A 141 1.41 -9.36 -1.26
C MET A 141 1.05 -8.51 -2.46
N VAL A 142 -0.08 -7.82 -2.41
CA VAL A 142 -0.46 -6.85 -3.45
C VAL A 142 -1.32 -5.69 -2.94
N LYS A 143 -1.20 -4.58 -3.65
CA LYS A 143 -2.03 -3.40 -3.46
C LYS A 143 -3.45 -3.76 -3.20
N TRP A 144 -3.97 -3.25 -2.09
CA TRP A 144 -5.38 -3.28 -1.80
C TRP A 144 -6.00 -2.18 -2.65
N PHE A 145 -6.61 -2.56 -3.76
CA PHE A 145 -7.10 -1.61 -4.76
C PHE A 145 -6.08 -0.56 -5.17
N ASP A 146 -6.41 0.73 -5.03
CA ASP A 146 -5.53 1.82 -5.49
C ASP A 146 -4.81 2.46 -4.33
N SER A 147 -4.54 1.66 -3.29
CA SER A 147 -3.93 2.09 -2.00
C SER A 147 -2.54 1.46 -1.80
N ASN A 148 -1.79 1.98 -0.83
CA ASN A 148 -0.45 1.52 -0.54
C ASN A 148 -0.57 0.75 0.72
N TYR A 149 -1.75 0.19 0.94
CA TYR A 149 -1.85 -0.91 1.86
C TYR A 149 -1.78 -2.16 0.99
N HIS A 150 -1.10 -3.17 1.51
CA HIS A 150 -0.99 -4.43 0.80
C HIS A 150 -1.55 -5.55 1.60
N TYR A 151 -2.33 -6.40 0.94
CA TYR A 151 -2.86 -7.60 1.54
C TYR A 151 -2.06 -8.83 1.10
N VAL A 152 -2.09 -9.85 1.94
CA VAL A 152 -1.65 -11.19 1.61
C VAL A 152 -2.77 -11.91 0.85
N ARG A 153 -2.49 -12.20 -0.41
CA ARG A 153 -3.43 -12.74 -1.38
C ARG A 153 -3.80 -14.17 -1.04
N PRO A 154 -5.11 -14.45 -0.83
CA PRO A 154 -5.56 -15.80 -0.65
C PRO A 154 -5.02 -16.65 -1.72
N THR A 155 -4.65 -17.88 -1.40
CA THR A 155 -4.14 -18.80 -2.40
C THR A 155 -4.81 -20.12 -2.21
N PHE A 156 -5.53 -20.51 -3.25
CA PHE A 156 -6.42 -21.65 -3.22
C PHE A 156 -5.89 -22.69 -4.13
N SER A 157 -6.42 -23.91 -3.95
CA SER A 157 -5.94 -25.12 -4.60
C SER A 157 -7.06 -26.19 -4.57
N HIS A 158 -7.06 -27.13 -5.51
CA HIS A 158 -8.07 -28.20 -5.56
C HIS A 158 -8.19 -29.02 -4.28
N SER A 159 -7.09 -29.07 -3.53
CA SER A 159 -7.03 -29.78 -2.27
C SER A 159 -7.62 -29.00 -1.08
N THR A 160 -7.75 -27.68 -1.24
CA THR A 160 -8.12 -26.83 -0.14
C THR A 160 -9.48 -27.23 0.39
N GLU A 161 -9.53 -27.62 1.65
CA GLU A 161 -10.77 -27.95 2.34
C GLU A 161 -11.15 -26.75 3.18
N PHE A 162 -12.19 -26.05 2.78
CA PHE A 162 -12.68 -24.94 3.59
C PHE A 162 -13.41 -25.46 4.81
N LYS A 163 -12.75 -25.35 5.95
CA LYS A 163 -13.38 -25.59 7.22
C LYS A 163 -13.22 -24.30 8.02
N LEU A 164 -14.01 -24.18 9.07
CA LEU A 164 -13.91 -23.07 10.00
C LEU A 164 -12.97 -23.47 11.12
N ASN A 165 -11.73 -23.01 11.02
CA ASN A 165 -10.69 -23.25 12.02
C ASN A 165 -11.01 -22.72 13.38
N THR A 166 -10.79 -23.57 14.37
CA THR A 166 -11.01 -23.23 15.75
C THR A 166 -9.75 -23.41 16.60
N ALA A 167 -8.66 -23.83 15.97
CA ALA A 167 -7.41 -24.14 16.66
C ALA A 167 -6.79 -22.84 17.16
N ALA A 168 -6.80 -21.88 16.23
CA ALA A 168 -6.35 -20.51 16.46
C ALA A 168 -7.31 -19.65 17.27
N GLY A 169 -8.33 -20.26 17.91
CA GLY A 169 -9.61 -19.58 18.27
C GLY A 169 -10.43 -19.15 17.03
N ILE A 170 -11.55 -18.48 17.27
CA ILE A 170 -12.30 -17.86 16.19
C ILE A 170 -12.31 -16.36 16.42
N LYS A 171 -11.44 -15.67 15.67
CA LYS A 171 -11.07 -14.27 15.97
C LYS A 171 -12.19 -13.24 16.08
N PRO A 172 -13.13 -13.25 15.12
CA PRO A 172 -14.07 -12.16 15.15
C PRO A 172 -15.07 -12.39 16.26
N VAL A 173 -15.22 -13.64 16.68
CA VAL A 173 -16.08 -13.97 17.81
C VAL A 173 -15.43 -13.49 19.08
N ASP A 174 -14.20 -13.92 19.27
CA ASP A 174 -13.49 -13.62 20.48
C ASP A 174 -13.29 -12.15 20.65
N GLU A 175 -13.08 -11.42 19.58
CA GLU A 175 -12.96 -9.99 19.74
C GLU A 175 -14.30 -9.23 19.97
N PHE A 176 -15.38 -9.68 19.36
CA PHE A 176 -16.70 -9.20 19.78
C PHE A 176 -16.92 -9.36 21.29
N ASN A 177 -16.63 -10.55 21.80
CA ASN A 177 -16.83 -10.85 23.21
C ASN A 177 -16.01 -9.96 24.11
N GLU A 178 -14.76 -9.70 23.71
CA GLU A 178 -13.88 -8.81 24.47
C GLU A 178 -14.55 -7.46 24.66
N ALA A 179 -14.95 -6.88 23.53
CA ALA A 179 -15.57 -5.58 23.49
C ALA A 179 -16.80 -5.54 24.41
N LYS A 180 -17.64 -6.59 24.30
CA LYS A 180 -18.90 -6.71 25.04
C LYS A 180 -18.58 -6.77 26.52
N ALA A 181 -17.44 -7.37 26.91
CA ALA A 181 -17.10 -7.44 28.33
C ALA A 181 -16.58 -6.11 28.89
N LEU A 182 -16.56 -5.07 28.05
CA LEU A 182 -16.29 -3.67 28.46
C LEU A 182 -17.51 -2.82 28.17
N GLY A 183 -18.67 -3.46 28.08
CA GLY A 183 -19.87 -2.77 27.67
C GLY A 183 -19.73 -2.05 26.35
N VAL A 184 -19.09 -2.64 25.35
CA VAL A 184 -19.09 -2.02 24.02
C VAL A 184 -19.64 -2.93 22.95
N GLN A 185 -20.82 -2.57 22.45
CA GLN A 185 -21.51 -3.29 21.40
C GLN A 185 -20.86 -2.99 20.06
N THR A 186 -20.39 -4.02 19.37
CA THR A 186 -19.66 -3.76 18.15
C THR A 186 -20.21 -4.42 16.88
N ARG A 187 -19.74 -3.92 15.74
CA ARG A 187 -20.16 -4.44 14.46
C ARG A 187 -18.94 -5.12 13.85
N PRO A 188 -18.92 -6.47 13.88
CA PRO A 188 -17.88 -7.22 13.22
C PRO A 188 -17.73 -6.78 11.78
N VAL A 189 -16.52 -6.93 11.25
CA VAL A 189 -16.29 -6.62 9.88
C VAL A 189 -15.67 -7.84 9.26
N ILE A 190 -16.24 -8.27 8.15
CA ILE A 190 -15.71 -9.43 7.48
C ILE A 190 -15.69 -9.18 5.99
N LEU A 191 -14.63 -9.59 5.34
CA LEU A 191 -14.62 -9.50 3.89
C LEU A 191 -15.58 -10.60 3.42
N GLY A 192 -16.41 -10.28 2.44
CA GLY A 192 -17.42 -11.21 1.97
C GLY A 192 -16.86 -12.27 1.04
N PRO A 193 -17.61 -13.35 0.86
CA PRO A 193 -17.16 -14.45 0.04
C PRO A 193 -16.73 -14.07 -1.37
N VAL A 194 -17.41 -13.12 -1.96
CA VAL A 194 -17.21 -12.86 -3.37
C VAL A 194 -15.92 -12.09 -3.55
N SER A 195 -15.79 -11.01 -2.80
CA SER A 195 -14.53 -10.29 -2.74
C SER A 195 -13.41 -11.23 -2.30
N TYR A 196 -13.66 -11.99 -1.22
CA TYR A 196 -12.64 -12.87 -0.71
C TYR A 196 -12.05 -13.72 -1.85
N LEU A 197 -12.90 -14.48 -2.53
CA LEU A 197 -12.46 -15.29 -3.63
C LEU A 197 -11.89 -14.46 -4.77
N TYR A 198 -12.68 -13.54 -5.32
CA TYR A 198 -12.28 -12.79 -6.52
C TYR A 198 -10.90 -12.18 -6.38
N LEU A 199 -10.58 -11.74 -5.19
CA LEU A 199 -9.28 -11.16 -4.94
C LEU A 199 -8.16 -12.17 -4.74
N GLY A 200 -8.49 -13.43 -4.51
CA GLY A 200 -7.51 -14.47 -4.24
C GLY A 200 -6.86 -14.99 -5.49
N LYS A 201 -6.23 -16.15 -5.41
CA LYS A 201 -5.57 -16.74 -6.57
C LYS A 201 -5.41 -18.25 -6.41
N ALA A 202 -5.25 -18.91 -7.53
CA ALA A 202 -4.98 -20.32 -7.54
C ALA A 202 -3.52 -20.45 -7.33
N ASP A 203 -3.16 -21.44 -6.54
CA ASP A 203 -1.75 -21.84 -6.32
C ASP A 203 -1.23 -22.56 -7.59
N LYS A 204 0.09 -22.56 -7.78
CA LYS A 204 0.70 -23.15 -8.99
C LYS A 204 0.40 -24.65 -9.24
N ASP A 205 0.08 -25.40 -8.18
CA ASP A 205 -0.35 -26.81 -8.31
C ASP A 205 -1.78 -26.92 -8.82
N SER A 206 -2.39 -25.80 -9.18
CA SER A 206 -3.79 -25.79 -9.58
C SER A 206 -4.13 -24.61 -10.50
N LEU A 207 -3.32 -24.40 -11.55
CA LEU A 207 -3.54 -23.36 -12.58
C LEU A 207 -4.89 -23.35 -13.29
N ASP A 208 -5.65 -24.44 -13.21
CA ASP A 208 -6.91 -24.49 -13.96
C ASP A 208 -8.08 -24.02 -13.12
N LEU A 209 -7.80 -23.15 -12.16
CA LEU A 209 -8.75 -22.83 -11.12
C LEU A 209 -9.09 -21.34 -11.07
N GLU A 210 -10.35 -21.06 -11.38
CA GLU A 210 -10.91 -19.78 -11.11
C GLU A 210 -11.25 -19.75 -9.64
N PRO A 211 -10.76 -18.74 -8.90
CA PRO A 211 -11.00 -18.71 -7.47
C PRO A 211 -12.49 -18.63 -7.15
N ILE A 212 -13.23 -17.84 -7.92
CA ILE A 212 -14.65 -17.65 -7.63
C ILE A 212 -15.52 -18.92 -7.78
N SER A 213 -15.00 -19.99 -8.39
CA SER A 213 -15.75 -21.26 -8.51
C SER A 213 -15.93 -21.98 -7.16
N LEU A 214 -15.19 -21.57 -6.15
CA LEU A 214 -15.27 -22.24 -4.87
C LEU A 214 -16.39 -21.67 -4.05
N LEU A 215 -17.21 -20.81 -4.65
CA LEU A 215 -18.19 -20.08 -3.85
C LEU A 215 -19.05 -21.05 -3.05
N PRO A 216 -19.45 -22.19 -3.67
CA PRO A 216 -20.27 -23.16 -2.96
C PRO A 216 -19.61 -23.86 -1.78
N LYS A 217 -18.34 -24.19 -1.94
CA LYS A 217 -17.62 -24.79 -0.85
C LYS A 217 -17.49 -23.85 0.34
N ILE A 218 -17.37 -22.55 0.07
CA ILE A 218 -16.99 -21.58 1.12
C ILE A 218 -18.14 -20.93 1.90
N LEU A 219 -19.32 -20.87 1.29
CA LEU A 219 -20.47 -20.24 1.92
C LEU A 219 -20.85 -20.91 3.20
N PRO A 220 -20.85 -22.25 3.21
CA PRO A 220 -21.31 -22.89 4.42
C PRO A 220 -20.37 -22.61 5.59
N VAL A 221 -19.18 -22.14 5.29
CA VAL A 221 -18.27 -21.64 6.30
C VAL A 221 -18.69 -20.27 6.78
N TYR A 222 -18.84 -19.35 5.84
CA TYR A 222 -19.27 -18.01 6.14
C TYR A 222 -20.57 -18.07 6.92
N LYS A 223 -21.41 -19.02 6.55
CA LYS A 223 -22.68 -19.22 7.23
C LYS A 223 -22.42 -19.58 8.72
N GLU A 224 -21.54 -20.56 8.94
CA GLU A 224 -21.26 -21.04 10.28
C GLU A 224 -20.77 -19.91 11.16
N LEU A 225 -19.70 -19.26 10.71
CA LEU A 225 -19.22 -18.05 11.34
C LEU A 225 -20.35 -17.13 11.74
N LEU A 226 -21.23 -16.86 10.79
CA LEU A 226 -22.26 -15.88 11.02
C LEU A 226 -23.19 -16.30 12.17
N GLN A 227 -23.48 -17.58 12.28
CA GLN A 227 -24.34 -18.02 13.37
C GLN A 227 -23.57 -17.97 14.68
N LYS A 228 -22.31 -18.34 14.63
CA LYS A 228 -21.47 -18.20 15.81
C LYS A 228 -21.54 -16.77 16.30
N LEU A 229 -21.62 -15.81 15.38
CA LEU A 229 -21.66 -14.39 15.75
C LEU A 229 -22.99 -13.93 16.28
N LYS A 230 -24.06 -14.43 15.69
CA LYS A 230 -25.39 -14.14 16.15
C LYS A 230 -25.61 -14.58 17.61
N GLU A 231 -25.16 -15.79 17.94
CA GLU A 231 -25.31 -16.35 19.29
C GLU A 231 -24.58 -15.49 20.30
N ALA A 232 -23.40 -15.03 19.91
CA ALA A 232 -22.58 -14.19 20.77
C ALA A 232 -23.23 -12.86 21.14
N GLY A 233 -24.13 -12.38 20.28
CA GLY A 233 -24.81 -11.10 20.47
C GLY A 233 -24.78 -10.14 19.27
N ALA A 234 -24.26 -10.60 18.15
CA ALA A 234 -24.09 -9.70 17.05
C ALA A 234 -25.42 -9.35 16.40
N GLU A 235 -25.75 -8.07 16.51
CA GLU A 235 -26.96 -7.56 15.96
C GLU A 235 -26.72 -7.49 14.48
N GLN A 236 -25.83 -6.57 14.11
CA GLN A 236 -25.54 -6.22 12.73
C GLN A 236 -24.06 -6.54 12.43
N VAL A 237 -23.77 -7.01 11.22
CA VAL A 237 -22.42 -7.27 10.73
C VAL A 237 -22.18 -6.50 9.44
N GLN A 238 -21.05 -5.78 9.39
CA GLN A 238 -20.56 -5.15 8.19
C GLN A 238 -19.87 -6.22 7.38
N ILE A 239 -20.30 -6.42 6.15
CA ILE A 239 -19.63 -7.39 5.31
C ILE A 239 -19.16 -6.73 4.00
N ASP A 240 -17.86 -6.54 3.92
CA ASP A 240 -17.25 -5.81 2.83
C ASP A 240 -17.33 -6.61 1.54
N GLU A 241 -17.82 -5.94 0.49
CA GLU A 241 -17.88 -6.50 -0.83
C GLU A 241 -17.42 -5.42 -1.81
N PRO A 242 -16.15 -4.96 -1.64
CA PRO A 242 -15.68 -3.77 -2.34
C PRO A 242 -15.36 -4.02 -3.79
N VAL A 243 -15.39 -5.27 -4.22
CA VAL A 243 -15.15 -5.58 -5.62
C VAL A 243 -16.17 -4.93 -6.55
N LEU A 244 -17.30 -4.52 -6.00
CA LEU A 244 -18.36 -3.90 -6.78
C LEU A 244 -17.98 -2.57 -7.44
N VAL A 245 -16.88 -1.95 -6.97
CA VAL A 245 -16.41 -0.70 -7.56
C VAL A 245 -15.57 -0.92 -8.79
N LEU A 246 -15.31 -2.20 -9.08
CA LEU A 246 -14.50 -2.66 -10.23
C LEU A 246 -15.39 -3.12 -11.40
N ASP A 247 -14.79 -3.17 -12.60
CA ASP A 247 -15.38 -3.86 -13.77
C ASP A 247 -15.48 -5.37 -13.52
N LEU A 248 -16.69 -5.87 -13.32
CA LEU A 248 -16.88 -7.28 -13.03
C LEU A 248 -17.64 -8.00 -14.13
N PRO A 249 -17.05 -9.07 -14.65
CA PRO A 249 -17.80 -9.74 -15.67
C PRO A 249 -19.14 -10.21 -15.16
N GLU A 250 -20.08 -10.21 -16.09
CA GLU A 250 -21.44 -10.73 -15.94
C GLU A 250 -21.60 -11.99 -15.11
N ALA A 251 -20.68 -12.95 -15.24
CA ALA A 251 -20.82 -14.23 -14.55
C ALA A 251 -20.43 -14.11 -13.08
N VAL A 252 -19.76 -13.01 -12.72
CA VAL A 252 -19.45 -12.71 -11.33
C VAL A 252 -20.67 -12.04 -10.68
N GLN A 253 -21.16 -10.98 -11.33
CA GLN A 253 -22.31 -10.23 -10.84
C GLN A 253 -23.50 -11.09 -10.37
N SER A 254 -23.76 -12.18 -11.09
CA SER A 254 -24.88 -13.05 -10.80
C SER A 254 -24.67 -13.88 -9.57
N LYS A 255 -23.45 -13.90 -9.04
CA LYS A 255 -23.10 -14.75 -7.91
C LYS A 255 -23.40 -14.08 -6.57
N PHE A 256 -23.67 -12.79 -6.58
CA PHE A 256 -23.95 -12.07 -5.33
C PHE A 256 -25.25 -12.51 -4.72
N LYS A 257 -26.31 -12.52 -5.53
CA LYS A 257 -27.57 -13.05 -5.04
C LYS A 257 -27.34 -14.46 -4.49
N GLU A 258 -26.76 -15.36 -5.29
CA GLU A 258 -26.53 -16.74 -4.86
C GLU A 258 -25.93 -16.72 -3.46
N ALA A 259 -24.86 -15.94 -3.31
CA ALA A 259 -24.16 -15.84 -2.04
C ALA A 259 -25.01 -15.32 -0.87
N TYR A 260 -25.70 -14.20 -1.06
CA TYR A 260 -26.34 -13.55 0.08
C TYR A 260 -27.66 -14.21 0.41
N ASP A 261 -28.30 -14.76 -0.63
CA ASP A 261 -29.44 -15.68 -0.47
C ASP A 261 -29.10 -16.84 0.48
N ALA A 262 -27.87 -17.32 0.36
CA ALA A 262 -27.42 -18.46 1.14
C ALA A 262 -27.29 -18.04 2.56
N LEU A 263 -26.62 -16.91 2.77
CA LEU A 263 -26.19 -16.49 4.12
C LEU A 263 -27.32 -15.89 4.91
N VAL A 264 -28.18 -15.09 4.30
CA VAL A 264 -29.22 -14.39 5.07
C VAL A 264 -30.17 -15.38 5.79
N GLY A 265 -30.66 -14.95 6.95
CA GLY A 265 -31.57 -15.76 7.75
C GLY A 265 -31.91 -15.21 9.13
N ALA A 266 -32.68 -16.00 9.88
CA ALA A 266 -33.08 -15.67 11.26
C ALA A 266 -31.99 -16.07 12.29
N ASP A 267 -31.12 -16.99 11.87
CA ASP A 267 -29.97 -17.42 12.62
C ASP A 267 -28.71 -16.62 12.30
N VAL A 268 -28.80 -15.56 11.51
CA VAL A 268 -27.61 -14.76 11.34
C VAL A 268 -27.87 -13.32 11.68
N PRO A 269 -26.79 -12.57 11.89
CA PRO A 269 -27.02 -11.17 12.10
C PRO A 269 -27.53 -10.52 10.81
N GLU A 270 -28.03 -9.29 10.91
CA GLU A 270 -28.33 -8.50 9.72
C GLU A 270 -27.01 -8.17 9.11
N LEU A 271 -26.96 -8.07 7.78
CA LEU A 271 -25.69 -7.79 7.09
C LEU A 271 -25.76 -6.47 6.40
N ILE A 272 -24.71 -5.68 6.52
CA ILE A 272 -24.65 -4.38 5.89
C ILE A 272 -23.61 -4.47 4.84
N LEU A 273 -24.07 -4.75 3.63
CA LEU A 273 -23.20 -4.91 2.45
C LEU A 273 -22.42 -3.65 2.20
N THR A 274 -21.11 -3.72 2.32
CA THR A 274 -20.30 -2.52 2.37
C THR A 274 -19.36 -2.40 1.18
N THR A 275 -19.40 -1.23 0.54
CA THR A 275 -18.58 -0.95 -0.62
C THR A 275 -17.85 0.31 -0.34
N TYR A 276 -16.75 0.55 -1.07
CA TYR A 276 -15.95 1.78 -0.96
C TYR A 276 -14.85 1.87 -2.03
N PHE A 277 -14.23 3.05 -2.09
CA PHE A 277 -13.18 3.43 -3.02
C PHE A 277 -13.63 3.79 -4.40
N GLY A 278 -14.91 3.60 -4.73
CA GLY A 278 -15.38 3.99 -6.06
C GLY A 278 -16.84 3.78 -6.31
N ASP A 279 -17.15 3.61 -7.61
CA ASP A 279 -18.50 3.66 -8.18
C ASP A 279 -19.08 2.25 -8.40
N VAL A 280 -20.29 1.99 -7.86
CA VAL A 280 -20.93 0.67 -7.97
C VAL A 280 -22.10 0.61 -8.92
N ARG A 281 -22.37 1.71 -9.62
CA ARG A 281 -23.56 1.78 -10.47
C ARG A 281 -23.56 0.75 -11.58
N PRO A 282 -22.42 0.60 -12.29
CA PRO A 282 -22.43 -0.46 -13.30
C PRO A 282 -22.89 -1.81 -12.75
N ASN A 283 -22.65 -2.07 -11.46
CA ASN A 283 -23.05 -3.36 -10.86
C ASN A 283 -24.42 -3.39 -10.17
N LEU A 284 -25.19 -2.30 -10.20
CA LEU A 284 -26.50 -2.30 -9.56
C LEU A 284 -27.33 -3.54 -9.83
N LYS A 285 -27.52 -3.91 -11.10
CA LYS A 285 -28.26 -5.14 -11.41
C LYS A 285 -27.80 -6.30 -10.50
N ALA A 286 -26.49 -6.39 -10.30
CA ALA A 286 -25.93 -7.43 -9.41
C ALA A 286 -26.59 -7.53 -8.03
N ILE A 287 -27.05 -6.40 -7.50
CA ILE A 287 -27.37 -6.28 -6.09
C ILE A 287 -28.73 -5.68 -5.81
N GLU A 288 -29.52 -5.47 -6.87
CA GLU A 288 -30.77 -4.75 -6.75
C GLU A 288 -31.90 -5.59 -6.20
N ASN A 289 -31.66 -6.88 -5.95
CA ASN A 289 -32.64 -7.79 -5.34
C ASN A 289 -31.98 -8.82 -4.43
N LEU A 290 -31.20 -8.31 -3.48
CA LEU A 290 -30.55 -9.10 -2.47
C LEU A 290 -31.29 -8.94 -1.14
N PRO A 291 -31.22 -9.96 -0.31
CA PRO A 291 -31.85 -9.98 1.01
C PRO A 291 -31.21 -9.19 2.18
N VAL A 292 -30.06 -8.58 1.98
CA VAL A 292 -29.33 -7.96 3.08
C VAL A 292 -30.14 -6.93 3.85
N ALA A 293 -29.60 -6.47 4.98
CA ALA A 293 -30.31 -5.53 5.84
C ALA A 293 -30.05 -4.11 5.44
N GLY A 294 -28.97 -3.88 4.70
CA GLY A 294 -28.68 -2.53 4.21
C GLY A 294 -27.40 -2.48 3.43
N PHE A 295 -27.07 -1.31 2.87
CA PHE A 295 -25.84 -1.13 2.12
C PHE A 295 -24.98 -0.02 2.67
N HIS A 296 -23.77 0.11 2.11
CA HIS A 296 -22.88 1.25 2.36
C HIS A 296 -22.09 1.70 1.14
N PHE A 297 -21.98 3.00 0.94
CA PHE A 297 -21.38 3.55 -0.27
C PHE A 297 -20.52 4.74 0.06
N ASP A 298 -19.55 4.98 -0.83
CA ASP A 298 -18.56 6.05 -0.72
C ASP A 298 -19.07 7.28 -1.44
N PHE A 299 -19.61 8.23 -0.71
CA PHE A 299 -20.06 9.49 -1.29
C PHE A 299 -19.04 10.60 -1.05
N VAL A 300 -17.81 10.20 -0.78
CA VAL A 300 -16.68 11.11 -0.84
C VAL A 300 -16.18 11.01 -2.28
N ARG A 301 -15.83 9.82 -2.73
CA ARG A 301 -15.27 9.65 -4.06
C ARG A 301 -16.28 9.77 -5.17
N VAL A 302 -17.51 9.34 -4.90
CA VAL A 302 -18.55 9.26 -5.91
C VAL A 302 -19.87 9.64 -5.29
N PRO A 303 -20.00 10.87 -4.82
CA PRO A 303 -21.28 11.38 -4.30
C PRO A 303 -22.45 11.28 -5.31
N GLU A 304 -22.15 11.53 -6.57
CA GLU A 304 -23.14 11.53 -7.61
C GLU A 304 -23.92 10.22 -7.77
N GLN A 305 -23.35 9.10 -7.32
CA GLN A 305 -24.06 7.81 -7.39
C GLN A 305 -25.26 7.69 -6.42
N LEU A 306 -25.44 8.65 -5.52
CA LEU A 306 -26.49 8.56 -4.50
C LEU A 306 -27.93 8.29 -5.00
N ASP A 307 -28.46 9.10 -5.92
CA ASP A 307 -29.82 8.90 -6.43
C ASP A 307 -30.00 7.48 -6.98
N GLU A 308 -29.03 7.03 -7.77
CA GLU A 308 -29.21 5.75 -8.46
C GLU A 308 -29.23 4.60 -7.47
N VAL A 309 -28.28 4.57 -6.54
CA VAL A 309 -28.20 3.46 -5.58
C VAL A 309 -29.33 3.48 -4.59
N ALA A 310 -29.68 4.67 -4.16
CA ALA A 310 -30.75 4.80 -3.21
C ALA A 310 -32.03 4.27 -3.85
N SER A 311 -32.13 4.41 -5.19
CA SER A 311 -33.23 3.81 -5.96
C SER A 311 -33.44 2.36 -5.58
N ILE A 312 -32.36 1.58 -5.50
CA ILE A 312 -32.45 0.11 -5.34
C ILE A 312 -33.04 -0.39 -4.01
N LEU A 313 -33.13 0.48 -3.01
CA LEU A 313 -33.41 0.01 -1.65
C LEU A 313 -34.86 -0.35 -1.47
N LYS A 314 -35.13 -1.63 -1.38
CA LYS A 314 -36.45 -2.15 -1.03
C LYS A 314 -36.58 -1.98 0.49
N ASP A 315 -37.79 -1.65 0.93
CA ASP A 315 -38.09 -1.32 2.33
C ASP A 315 -37.56 -2.33 3.34
N GLY A 316 -37.21 -1.74 4.49
CA GLY A 316 -36.41 -2.38 5.53
C GLY A 316 -35.11 -1.62 5.54
N GLN A 317 -34.41 -1.75 4.40
CA GLN A 317 -32.96 -1.51 4.24
C GLN A 317 -32.45 -0.12 4.57
N THR A 318 -31.22 -0.08 5.10
CA THR A 318 -30.60 1.17 5.51
C THR A 318 -29.44 1.55 4.59
N LEU A 319 -29.24 2.84 4.41
CA LEU A 319 -28.14 3.34 3.62
C LEU A 319 -27.13 3.96 4.54
N SER A 320 -25.92 3.42 4.55
CA SER A 320 -24.81 4.03 5.25
C SER A 320 -24.24 4.97 4.19
N ALA A 321 -24.09 6.24 4.56
CA ALA A 321 -23.67 7.25 3.61
C ALA A 321 -22.22 7.64 3.84
N GLY A 322 -21.32 6.98 3.14
CA GLY A 322 -19.92 7.24 3.36
C GLY A 322 -19.50 8.65 3.00
N VAL A 323 -19.26 9.48 4.02
CA VAL A 323 -18.97 10.89 3.80
C VAL A 323 -17.81 11.51 4.57
N VAL A 324 -17.04 10.73 5.32
CA VAL A 324 -15.83 11.26 5.93
C VAL A 324 -14.64 10.43 5.49
N ASP A 325 -13.76 11.06 4.76
CA ASP A 325 -12.79 10.35 3.93
C ASP A 325 -11.93 9.45 4.77
N GLY A 326 -12.02 8.15 4.52
CA GLY A 326 -11.12 7.19 5.14
C GLY A 326 -9.82 7.01 4.38
N ARG A 327 -9.64 7.79 3.31
CA ARG A 327 -8.43 7.72 2.49
C ARG A 327 -7.57 9.03 2.37
N ASN A 328 -8.02 10.14 2.95
CA ASN A 328 -7.27 11.39 2.91
C ASN A 328 -7.56 12.13 4.21
N ILE A 329 -6.72 13.10 4.55
CA ILE A 329 -6.71 13.68 5.89
C ILE A 329 -7.14 15.15 5.94
N TRP A 330 -7.64 15.66 4.82
CA TRP A 330 -8.21 17.01 4.86
C TRP A 330 -9.39 17.01 5.78
N LYS A 331 -9.43 17.98 6.67
CA LYS A 331 -10.60 18.22 7.52
C LYS A 331 -11.86 18.31 6.66
N THR A 332 -12.96 17.79 7.18
CA THR A 332 -14.18 17.63 6.41
C THR A 332 -14.94 18.94 6.36
N ASP A 333 -15.61 19.20 5.25
CA ASP A 333 -16.49 20.37 5.15
C ASP A 333 -17.90 20.04 5.65
N PHE A 334 -18.14 20.35 6.89
CA PHE A 334 -19.41 19.99 7.52
C PHE A 334 -20.64 20.44 6.75
N ALA A 335 -20.52 21.54 6.03
CA ALA A 335 -21.61 22.03 5.25
C ALA A 335 -21.85 21.06 4.11
N LYS A 336 -20.80 20.78 3.35
CA LYS A 336 -20.95 19.98 2.15
C LYS A 336 -21.33 18.54 2.47
N ALA A 337 -20.62 17.97 3.44
CA ALA A 337 -20.97 16.63 3.93
C ALA A 337 -22.41 16.50 4.42
N SER A 338 -22.89 17.42 5.25
CA SER A 338 -24.24 17.30 5.75
C SER A 338 -25.28 17.44 4.64
N ALA A 339 -24.91 18.12 3.57
CA ALA A 339 -25.80 18.32 2.44
C ALA A 339 -26.02 17.03 1.71
N VAL A 340 -25.08 16.12 1.82
CA VAL A 340 -25.18 14.85 1.11
C VAL A 340 -26.11 13.93 1.90
N VAL A 341 -25.85 13.90 3.20
CA VAL A 341 -26.64 13.11 4.14
C VAL A 341 -28.10 13.55 4.11
N GLN A 342 -28.33 14.84 3.89
CA GLN A 342 -29.68 15.30 3.78
C GLN A 342 -30.28 14.87 2.43
N LYS A 343 -29.49 14.88 1.34
CA LYS A 343 -29.99 14.39 0.06
C LYS A 343 -30.45 12.96 0.24
N ALA A 344 -29.69 12.18 1.03
CA ALA A 344 -30.04 10.79 1.34
C ALA A 344 -31.32 10.73 2.14
N ILE A 345 -31.34 11.47 3.23
CA ILE A 345 -32.53 11.54 4.04
C ILE A 345 -33.75 11.91 3.21
N GLU A 346 -33.61 12.81 2.24
CA GLU A 346 -34.75 13.09 1.37
C GLU A 346 -35.22 11.81 0.69
N LYS A 347 -34.31 11.00 0.18
CA LYS A 347 -34.71 9.84 -0.63
C LYS A 347 -35.20 8.61 0.14
N VAL A 348 -34.66 8.38 1.34
CA VAL A 348 -34.95 7.12 2.08
C VAL A 348 -35.45 7.22 3.55
N GLY A 349 -35.65 8.44 4.06
CA GLY A 349 -36.08 8.65 5.43
C GLY A 349 -34.93 8.75 6.42
N LYS A 350 -34.99 9.80 7.26
CA LYS A 350 -34.01 10.06 8.32
C LYS A 350 -33.68 8.81 9.17
N ASP A 351 -34.65 7.94 9.35
CA ASP A 351 -34.51 6.79 10.25
C ASP A 351 -33.76 5.60 9.67
N LYS A 352 -33.46 5.68 8.38
CA LYS A 352 -32.84 4.59 7.67
C LYS A 352 -31.55 5.08 7.08
N VAL A 353 -30.97 6.14 7.63
CA VAL A 353 -29.75 6.69 7.06
C VAL A 353 -28.71 6.74 8.16
N VAL A 354 -27.43 6.61 7.77
CA VAL A 354 -26.33 6.59 8.70
C VAL A 354 -25.09 7.34 8.21
N VAL A 355 -24.60 8.25 9.03
CA VAL A 355 -23.38 9.00 8.75
C VAL A 355 -22.19 8.08 8.97
N ALA A 356 -21.31 7.95 7.98
CA ALA A 356 -20.26 6.89 8.01
C ALA A 356 -18.96 7.34 7.39
N THR A 357 -17.87 6.65 7.70
CA THR A 357 -16.63 6.97 7.04
C THR A 357 -16.81 6.44 5.66
N SER A 358 -16.11 7.03 4.70
CA SER A 358 -16.20 6.54 3.35
C SER A 358 -15.56 5.14 3.30
N SER A 359 -14.51 4.94 4.10
CA SER A 359 -13.83 3.65 4.24
C SER A 359 -13.30 3.42 5.64
N SER A 360 -12.73 2.24 5.89
CA SER A 360 -11.93 2.05 7.08
C SER A 360 -10.90 3.18 7.15
N LEU A 361 -10.64 3.69 8.35
CA LEU A 361 -9.60 4.67 8.55
C LEU A 361 -8.26 3.98 8.66
N LEU A 362 -8.20 2.73 8.22
CA LEU A 362 -6.93 2.04 8.16
C LEU A 362 -5.89 2.84 7.44
N HIS A 363 -6.31 3.63 6.47
CA HIS A 363 -5.40 4.29 5.57
C HIS A 363 -5.07 5.70 6.09
N THR A 364 -5.43 6.01 7.33
CA THR A 364 -5.10 7.32 7.92
C THR A 364 -4.28 7.19 9.17
N PRO A 365 -3.60 8.27 9.57
CA PRO A 365 -2.86 8.14 10.79
C PRO A 365 -3.80 8.15 12.00
N VAL A 366 -3.27 7.94 13.20
CA VAL A 366 -4.13 7.85 14.37
C VAL A 366 -4.65 9.22 14.79
N ASP A 367 -3.76 10.06 15.33
CA ASP A 367 -4.17 11.32 15.96
C ASP A 367 -3.32 12.46 15.43
N LEU A 368 -3.96 13.54 14.98
CA LEU A 368 -3.26 14.77 14.62
C LEU A 368 -2.64 15.48 15.84
N GLU A 369 -3.32 15.43 16.98
CA GLU A 369 -2.82 16.11 18.20
C GLU A 369 -1.38 15.67 18.59
N SER A 370 -0.95 14.56 18.02
CA SER A 370 0.41 14.09 18.20
C SER A 370 1.43 14.85 17.41
N GLU A 371 1.03 15.91 16.71
CA GLU A 371 1.91 16.60 15.81
C GLU A 371 2.17 18.02 16.26
N THR A 372 3.40 18.29 16.66
CA THR A 372 3.75 19.52 17.31
C THR A 372 4.65 20.41 16.46
N LYS A 373 5.04 19.98 15.26
CA LYS A 373 5.89 20.84 14.40
C LYS A 373 5.30 21.21 13.02
N LEU A 374 3.97 21.34 12.95
CA LEU A 374 3.31 21.81 11.75
C LEU A 374 2.79 23.18 12.04
N ASP A 375 3.03 24.10 11.12
CA ASP A 375 2.39 25.40 11.10
C ASP A 375 0.92 25.27 11.55
N ALA A 376 0.51 26.05 12.54
CA ALA A 376 -0.84 25.90 13.09
C ALA A 376 -1.90 26.21 12.04
N VAL A 377 -1.51 27.00 11.06
CA VAL A 377 -2.42 27.37 9.98
C VAL A 377 -2.77 26.14 9.18
N ILE A 378 -1.73 25.39 8.82
CA ILE A 378 -1.81 24.24 7.94
C ILE A 378 -2.48 23.14 8.74
N LYS A 379 -2.09 23.01 9.99
CA LYS A 379 -2.59 21.91 10.82
C LYS A 379 -4.10 22.02 10.91
N ASP A 380 -4.59 23.25 10.98
CA ASP A 380 -6.01 23.52 11.13
C ASP A 380 -6.81 23.00 9.95
N TRP A 381 -6.11 22.73 8.85
CA TRP A 381 -6.72 22.12 7.65
C TRP A 381 -6.91 20.61 7.69
N PHE A 382 -6.31 19.92 8.65
CA PHE A 382 -6.34 18.47 8.66
C PHE A 382 -7.18 17.77 9.76
N SER A 383 -7.40 16.47 9.53
CA SER A 383 -8.01 15.58 10.51
C SER A 383 -7.48 14.17 10.30
N PHE A 384 -6.83 13.59 11.29
CA PHE A 384 -6.44 12.16 11.24
C PHE A 384 -7.55 11.34 11.88
N ALA A 385 -7.35 10.03 12.09
CA ALA A 385 -8.42 9.15 12.60
C ALA A 385 -9.19 9.68 13.83
N THR A 386 -8.49 9.94 14.93
CA THR A 386 -9.18 10.46 16.13
C THR A 386 -10.18 11.58 15.83
N GLN A 387 -9.77 12.51 14.95
CA GLN A 387 -10.55 13.70 14.64
C GLN A 387 -11.73 13.28 13.83
N LYS A 388 -11.48 12.41 12.86
CA LYS A 388 -12.53 11.93 12.02
C LYS A 388 -13.70 11.33 12.82
N LEU A 389 -13.40 10.74 13.97
CA LEU A 389 -14.46 10.28 14.87
C LEU A 389 -15.39 11.44 15.32
N ASP A 390 -14.79 12.57 15.64
CA ASP A 390 -15.58 13.71 16.02
C ASP A 390 -16.36 14.18 14.80
N GLU A 391 -15.70 14.10 13.65
CA GLU A 391 -16.30 14.57 12.41
C GLU A 391 -17.65 13.89 12.14
N VAL A 392 -17.62 12.58 12.06
CA VAL A 392 -18.87 11.87 11.88
C VAL A 392 -19.82 12.07 13.04
N VAL A 393 -19.31 12.23 14.25
CA VAL A 393 -20.23 12.39 15.36
C VAL A 393 -21.01 13.67 15.17
N VAL A 394 -20.33 14.70 14.70
CA VAL A 394 -20.93 16.03 14.64
C VAL A 394 -21.93 16.15 13.50
N ILE A 395 -21.54 15.64 12.33
CA ILE A 395 -22.43 15.66 11.17
C ILE A 395 -23.73 14.93 11.48
N ALA A 396 -23.60 13.75 12.07
CA ALA A 396 -24.77 13.02 12.49
C ALA A 396 -25.65 13.87 13.38
N LYS A 397 -25.07 14.38 14.46
CA LYS A 397 -25.78 15.32 15.35
C LYS A 397 -26.50 16.44 14.57
N ASN A 398 -25.84 16.98 13.55
CA ASN A 398 -26.35 18.12 12.81
C ASN A 398 -27.66 17.72 12.20
N VAL A 399 -27.62 16.65 11.43
CA VAL A 399 -28.80 16.22 10.71
C VAL A 399 -29.89 15.72 11.64
N SER A 400 -29.54 15.45 12.89
CA SER A 400 -30.50 14.97 13.88
C SER A 400 -31.32 16.12 14.47
N GLY A 401 -31.05 17.34 14.01
CA GLY A 401 -31.74 18.52 14.51
C GLY A 401 -31.09 19.11 15.75
N GLU A 402 -30.03 18.51 16.26
CA GLU A 402 -29.37 18.98 17.49
C GLU A 402 -28.50 20.20 17.20
N ASP A 403 -28.32 21.06 18.19
CA ASP A 403 -27.48 22.25 18.04
C ASP A 403 -26.01 21.85 18.13
N VAL A 404 -25.31 22.08 17.02
CA VAL A 404 -23.85 21.99 17.02
C VAL A 404 -23.29 23.22 16.31
N SER A 405 -23.99 24.33 16.48
CA SER A 405 -23.69 25.55 15.79
C SER A 405 -22.20 25.87 15.94
N LYS A 406 -21.67 25.81 17.17
CA LYS A 406 -20.29 26.31 17.40
C LYS A 406 -19.27 25.53 16.60
N GLN A 407 -19.57 24.27 16.31
CA GLN A 407 -18.66 23.42 15.57
C GLN A 407 -18.72 23.61 14.07
N LEU A 408 -19.87 24.08 13.58
CA LEU A 408 -20.04 24.33 12.16
C LEU A 408 -19.25 25.57 11.80
N GLU A 409 -19.35 26.59 12.62
CA GLU A 409 -18.69 27.84 12.31
C GLU A 409 -17.19 27.65 12.36
N ALA A 410 -16.70 27.10 13.46
CA ALA A 410 -15.29 26.83 13.55
C ALA A 410 -14.88 26.05 12.32
N ASN A 411 -15.56 24.95 12.07
CA ASN A 411 -15.25 24.17 10.88
C ASN A 411 -15.27 25.06 9.64
N ALA A 412 -16.33 25.86 9.51
CA ALA A 412 -16.46 26.75 8.37
C ALA A 412 -15.31 27.75 8.27
N ALA A 413 -14.73 28.12 9.42
CA ALA A 413 -13.56 28.99 9.46
C ALA A 413 -12.39 28.26 8.86
N SER A 414 -12.14 27.07 9.38
CA SER A 414 -11.08 26.22 8.89
C SER A 414 -11.13 26.07 7.39
N ILE A 415 -12.33 25.92 6.83
CA ILE A 415 -12.42 25.81 5.38
C ILE A 415 -12.06 27.13 4.69
N LYS A 416 -12.68 28.24 5.12
CA LYS A 416 -12.44 29.56 4.50
C LYS A 416 -10.94 29.73 4.42
N ALA A 417 -10.27 29.58 5.55
CA ALA A 417 -8.82 29.74 5.62
C ALA A 417 -8.11 28.93 4.52
N ARG A 418 -8.47 27.67 4.40
CA ARG A 418 -7.80 26.82 3.45
C ARG A 418 -8.01 27.41 2.08
N SER A 419 -9.27 27.67 1.80
CA SER A 419 -9.70 28.27 0.54
C SER A 419 -8.87 29.47 0.14
N GLU A 420 -8.49 30.31 1.10
CA GLU A 420 -7.76 31.53 0.82
C GLU A 420 -6.39 31.50 1.44
N SER A 421 -5.36 31.26 0.65
CA SER A 421 -4.02 31.12 1.17
C SER A 421 -2.99 31.55 0.13
N SER A 422 -1.99 32.30 0.57
CA SER A 422 -0.87 32.65 -0.27
C SER A 422 0.07 31.44 -0.45
N ILE A 423 0.13 30.59 0.56
CA ILE A 423 0.90 29.36 0.52
C ILE A 423 0.61 28.69 -0.79
N THR A 424 -0.68 28.42 -1.05
CA THR A 424 -1.11 27.41 -2.04
C THR A 424 -0.56 27.61 -3.44
N ASN A 425 -0.53 28.84 -3.92
CA ASN A 425 -0.19 29.04 -5.33
C ASN A 425 1.12 29.71 -5.64
N ASP A 426 1.70 29.23 -6.73
CA ASP A 426 3.04 29.58 -7.14
C ASP A 426 3.01 29.80 -8.62
N PRO A 427 2.83 31.06 -9.04
CA PRO A 427 2.62 31.26 -10.46
C PRO A 427 3.80 30.76 -11.29
N LYS A 428 5.02 30.91 -10.80
CA LYS A 428 6.20 30.53 -11.60
C LYS A 428 6.05 29.05 -12.04
N VAL A 429 5.45 28.21 -11.20
CA VAL A 429 5.11 26.83 -11.56
C VAL A 429 4.06 26.74 -12.65
N GLN A 430 2.93 27.39 -12.43
CA GLN A 430 1.72 27.17 -13.27
C GLN A 430 2.05 27.47 -14.72
N GLU A 431 2.75 28.57 -14.94
CA GLU A 431 3.29 28.87 -16.25
C GLU A 431 4.15 27.73 -16.80
N ARG A 432 5.18 27.38 -16.03
CA ARG A 432 6.20 26.43 -16.45
C ARG A 432 5.55 25.16 -16.99
N LEU A 433 4.34 24.86 -16.49
CA LEU A 433 3.54 23.75 -17.00
C LEU A 433 3.31 23.76 -18.48
N THR A 434 3.23 24.95 -19.07
CA THR A 434 2.93 25.06 -20.47
C THR A 434 4.19 24.92 -21.33
N THR A 435 5.31 24.56 -20.70
CA THR A 435 6.51 24.15 -21.44
C THR A 435 6.51 22.65 -21.72
N ILE A 436 5.50 21.95 -21.20
CA ILE A 436 5.42 20.50 -21.32
C ILE A 436 4.85 20.13 -22.71
N ASN A 437 5.59 19.34 -23.47
CA ASN A 437 5.11 18.81 -24.74
C ASN A 437 5.73 17.42 -25.06
N GLU A 438 5.52 16.90 -26.26
CA GLU A 438 6.07 15.59 -26.67
C GLU A 438 7.59 15.58 -26.53
N ALA A 439 8.23 16.64 -27.01
CA ALA A 439 9.68 16.77 -26.98
C ALA A 439 10.23 16.75 -25.55
N LEU A 440 9.55 17.42 -24.63
CA LEU A 440 9.97 17.41 -23.24
C LEU A 440 9.91 16.00 -22.67
N ALA A 441 9.08 15.15 -23.28
CA ALA A 441 8.89 13.76 -22.85
C ALA A 441 9.24 12.72 -23.92
N THR A 442 10.28 13.03 -24.70
CA THR A 442 10.94 12.03 -25.57
C THR A 442 12.45 12.21 -25.41
N ARG A 443 13.16 11.09 -25.32
CA ARG A 443 14.63 11.08 -25.33
C ARG A 443 15.22 11.37 -26.72
N LYS A 444 16.46 11.88 -26.70
CA LYS A 444 17.19 12.27 -27.91
C LYS A 444 17.39 11.14 -28.96
N ALA A 445 17.11 9.88 -28.59
CA ALA A 445 17.13 8.77 -29.54
C ALA A 445 16.49 7.50 -28.93
N ALA A 446 16.19 6.50 -29.76
CA ALA A 446 15.50 5.30 -29.28
C ALA A 446 16.45 4.36 -28.53
N PHE A 447 15.86 3.54 -27.67
CA PHE A 447 16.61 2.62 -26.83
C PHE A 447 17.67 1.84 -27.60
N PRO A 448 17.28 1.15 -28.71
CA PRO A 448 18.35 0.38 -29.34
C PRO A 448 19.62 1.23 -29.59
N GLU A 449 19.46 2.51 -29.98
CA GLU A 449 20.60 3.42 -30.23
C GLU A 449 21.34 3.88 -28.94
N ARG A 450 20.62 3.94 -27.82
CA ARG A 450 21.22 4.34 -26.55
C ARG A 450 22.01 3.18 -25.91
N LEU A 451 21.55 1.94 -26.14
CA LEU A 451 22.21 0.74 -25.64
C LEU A 451 23.65 0.67 -26.10
N THR A 452 23.81 0.85 -27.41
CA THR A 452 25.11 0.82 -28.07
C THR A 452 26.01 1.85 -27.40
N GLU A 453 25.48 3.06 -27.18
CA GLU A 453 26.26 4.07 -26.47
C GLU A 453 26.57 3.64 -25.04
N GLN A 454 25.58 3.07 -24.35
CA GLN A 454 25.75 2.67 -22.94
C GLN A 454 26.72 1.50 -22.78
N LYS A 455 26.45 0.40 -23.48
CA LYS A 455 27.40 -0.75 -23.56
C LYS A 455 28.84 -0.19 -23.66
N ALA A 456 29.04 0.72 -24.62
CA ALA A 456 30.34 1.32 -24.90
C ALA A 456 30.92 2.19 -23.77
N LYS A 457 30.07 2.74 -22.91
CA LYS A 457 30.60 3.55 -21.82
C LYS A 457 30.90 2.69 -20.61
N TYR A 458 30.00 1.77 -20.33
CA TYR A 458 29.99 1.09 -19.05
C TYR A 458 30.67 -0.22 -19.09
N ASN A 459 30.82 -0.78 -20.29
CA ASN A 459 31.54 -2.04 -20.49
C ASN A 459 30.89 -3.19 -19.68
N LEU A 460 29.59 -3.11 -19.50
CA LEU A 460 28.97 -4.01 -18.57
C LEU A 460 28.99 -5.46 -19.09
N PRO A 461 29.12 -6.45 -18.17
CA PRO A 461 29.22 -7.85 -18.54
C PRO A 461 27.85 -8.49 -18.72
N LEU A 462 27.81 -9.67 -19.31
CA LEU A 462 26.55 -10.34 -19.55
C LEU A 462 25.96 -10.75 -18.18
N PHE A 463 24.63 -10.76 -18.06
CA PHE A 463 23.97 -11.08 -16.79
C PHE A 463 24.40 -10.15 -15.65
N PRO A 464 24.36 -8.84 -15.89
CA PRO A 464 24.91 -7.80 -15.00
C PRO A 464 24.17 -7.75 -13.69
N THR A 465 24.87 -7.56 -12.57
CA THR A 465 24.17 -7.61 -11.27
C THR A 465 24.10 -6.27 -10.58
N THR A 466 22.98 -6.04 -9.92
CA THR A 466 22.74 -4.81 -9.22
C THR A 466 21.60 -5.07 -8.24
N THR A 467 21.33 -4.09 -7.39
CA THR A 467 20.23 -4.18 -6.43
C THR A 467 19.41 -2.95 -6.66
N ILE A 468 18.56 -2.59 -5.71
CA ILE A 468 17.48 -1.67 -6.00
C ILE A 468 17.59 -0.34 -5.27
N GLY A 469 18.50 -0.21 -4.30
CA GLY A 469 18.78 1.11 -3.71
C GLY A 469 19.12 1.05 -2.23
N SER A 470 18.08 0.80 -1.44
CA SER A 470 18.19 0.77 -0.01
C SER A 470 18.93 -0.44 0.57
N PHE A 471 19.75 -0.18 1.57
CA PHE A 471 20.35 -1.22 2.34
C PHE A 471 19.90 -1.06 3.78
N PRO A 472 20.14 -2.07 4.62
CA PRO A 472 19.46 -2.17 5.90
C PRO A 472 19.38 -0.86 6.67
N GLN A 473 18.18 -0.48 7.10
CA GLN A 473 17.98 0.69 7.95
C GLN A 473 18.18 0.33 9.44
N THR A 474 19.45 0.29 9.81
CA THR A 474 19.92 -0.11 11.12
C THR A 474 19.57 0.93 12.16
N LYS A 475 19.08 0.48 13.32
CA LYS A 475 18.83 1.36 14.44
C LYS A 475 19.93 2.36 14.67
N ASP A 476 21.15 2.09 14.22
CA ASP A 476 22.22 3.06 14.38
C ASP A 476 21.88 4.23 13.45
N ILE A 477 21.52 3.92 12.20
CA ILE A 477 20.99 4.94 11.27
C ILE A 477 19.73 5.66 11.77
N ARG A 478 18.79 4.95 12.37
CA ARG A 478 17.55 5.57 12.81
C ARG A 478 17.85 6.56 13.93
N ILE A 479 18.60 6.09 14.90
CA ILE A 479 19.04 6.89 16.06
C ILE A 479 19.82 8.15 15.65
N ASN A 480 20.62 8.05 14.61
CA ASN A 480 21.46 9.18 14.23
C ASN A 480 20.74 10.17 13.37
N ARG A 481 19.86 9.71 12.49
CA ARG A 481 18.95 10.63 11.82
C ARG A 481 18.18 11.46 12.85
N ASN A 482 17.67 10.78 13.88
CA ASN A 482 16.93 11.40 14.97
C ASN A 482 17.73 12.40 15.80
N LYS A 483 18.92 12.00 16.26
CA LYS A 483 19.82 12.91 17.00
C LYS A 483 20.08 14.16 16.17
N PHE A 484 20.12 13.98 14.85
CA PHE A 484 20.29 15.12 13.94
C PHE A 484 19.01 15.97 13.95
N ALA A 485 17.90 15.39 13.50
CA ALA A 485 16.62 16.06 13.59
C ALA A 485 16.47 16.94 14.85
N LYS A 486 16.90 16.41 15.99
CA LYS A 486 16.62 17.00 17.31
C LYS A 486 17.82 17.77 17.83
N GLY A 487 18.70 18.18 16.91
CA GLY A 487 19.86 19.02 17.23
C GLY A 487 20.92 18.48 18.18
N GLN A 488 20.86 17.21 18.57
CA GLN A 488 21.85 16.61 19.48
C GLN A 488 23.18 16.39 18.76
N ILE A 489 23.20 16.51 17.43
CA ILE A 489 24.44 16.53 16.68
C ILE A 489 24.37 17.53 15.54
N THR A 490 25.55 18.00 15.14
CA THR A 490 25.66 19.00 14.09
C THR A 490 25.52 18.31 12.74
N ALA A 491 25.32 19.11 11.69
CA ALA A 491 25.17 18.62 10.33
C ALA A 491 26.48 17.99 9.85
N GLU A 492 27.55 18.57 10.36
CA GLU A 492 28.88 18.13 10.08
C GLU A 492 29.04 16.70 10.62
N GLU A 493 28.59 16.48 11.85
CA GLU A 493 28.60 15.13 12.45
C GLU A 493 27.69 14.12 11.69
N TYR A 494 26.54 14.57 11.22
CA TYR A 494 25.61 13.70 10.49
C TYR A 494 26.23 13.32 9.15
N GLU A 495 26.72 14.29 8.37
CA GLU A 495 27.44 13.96 7.13
C GLU A 495 28.54 12.89 7.36
N ALA A 496 29.33 13.06 8.42
CA ALA A 496 30.38 12.09 8.74
C ALA A 496 29.79 10.71 8.88
N PHE A 497 28.70 10.63 9.64
CA PHE A 497 28.03 9.36 9.94
C PHE A 497 27.49 8.73 8.65
N ILE A 498 26.89 9.53 7.78
CA ILE A 498 26.32 9.03 6.55
C ILE A 498 27.43 8.53 5.63
N ASN A 499 28.55 9.21 5.62
CA ASN A 499 29.62 8.79 4.77
C ASN A 499 30.21 7.44 5.21
N LYS A 500 30.42 7.27 6.51
CA LYS A 500 30.84 5.97 7.03
C LYS A 500 29.94 4.88 6.43
N GLU A 501 28.63 5.13 6.45
CA GLU A 501 27.65 4.12 6.14
C GLU A 501 27.55 3.87 4.62
N ILE A 502 27.85 4.90 3.83
CA ILE A 502 27.87 4.75 2.38
C ILE A 502 29.14 4.01 2.02
N GLU A 503 30.23 4.38 2.67
CA GLU A 503 31.48 3.65 2.53
C GLU A 503 31.25 2.16 2.88
N THR A 504 30.65 1.85 4.02
CA THR A 504 30.41 0.45 4.40
C THR A 504 29.63 -0.24 3.29
N VAL A 505 28.52 0.38 2.90
CA VAL A 505 27.63 -0.15 1.86
C VAL A 505 28.30 -0.34 0.47
N VAL A 506 29.24 0.52 0.12
CA VAL A 506 29.99 0.34 -1.11
C VAL A 506 31.00 -0.79 -0.93
N ARG A 507 31.89 -0.61 0.04
CA ARG A 507 33.00 -1.54 0.28
C ARG A 507 32.51 -2.96 0.20
N PHE A 508 31.32 -3.17 0.78
CA PHE A 508 30.67 -4.49 0.74
C PHE A 508 30.30 -4.85 -0.69
N GLN A 509 29.43 -4.07 -1.31
CA GLN A 509 29.05 -4.33 -2.68
C GLN A 509 30.24 -4.69 -3.57
N GLU A 510 31.39 -4.06 -3.34
CA GLU A 510 32.59 -4.38 -4.09
C GLU A 510 33.10 -5.75 -3.71
N GLU A 511 33.31 -5.95 -2.40
CA GLU A 511 33.67 -7.25 -1.86
C GLU A 511 32.91 -8.35 -2.62
N ILE A 512 31.59 -8.29 -2.58
CA ILE A 512 30.62 -9.32 -3.05
C ILE A 512 30.69 -9.56 -4.55
N GLY A 513 31.02 -8.54 -5.32
CA GLY A 513 31.17 -8.67 -6.77
C GLY A 513 30.11 -7.97 -7.59
N LEU A 514 29.35 -7.09 -6.96
CA LEU A 514 28.25 -6.44 -7.65
C LEU A 514 28.74 -5.47 -8.70
N ASP A 515 27.93 -5.33 -9.74
CA ASP A 515 28.35 -4.67 -10.96
C ASP A 515 27.91 -3.22 -10.98
N VAL A 516 26.64 -2.98 -10.76
CA VAL A 516 26.15 -1.61 -10.73
C VAL A 516 25.65 -1.32 -9.33
N LEU A 517 26.24 -0.31 -8.73
CA LEU A 517 26.12 -0.14 -7.30
C LEU A 517 25.02 0.83 -6.97
N VAL A 518 24.66 0.84 -5.70
CA VAL A 518 23.73 1.81 -5.13
C VAL A 518 24.40 2.36 -3.86
N HIS A 519 23.73 3.20 -3.08
CA HIS A 519 24.37 3.75 -1.86
C HIS A 519 23.57 3.54 -0.58
N GLY A 520 22.44 2.82 -0.66
CA GLY A 520 21.77 2.28 0.52
C GLY A 520 20.65 3.13 1.07
N GLU A 521 20.62 4.40 0.66
CA GLU A 521 19.66 5.38 1.14
C GLU A 521 19.74 5.60 2.65
N PRO A 522 20.94 5.47 3.25
CA PRO A 522 21.03 5.67 4.70
C PRO A 522 20.46 7.00 5.15
N GLU A 523 20.60 8.00 4.31
CA GLU A 523 20.15 9.34 4.61
C GLU A 523 18.64 9.54 4.37
N ARG A 524 17.93 8.45 4.07
CA ARG A 524 16.53 8.60 3.67
C ARG A 524 15.59 7.78 4.49
N ASN A 525 14.84 8.48 5.32
CA ASN A 525 13.77 7.87 6.09
C ASN A 525 12.93 6.96 5.19
N ASP A 526 12.42 7.58 4.14
CA ASP A 526 11.48 6.95 3.22
C ASP A 526 11.63 7.59 1.81
N MET A 527 11.60 6.72 0.81
CA MET A 527 11.80 7.10 -0.57
C MET A 527 10.82 8.15 -1.05
N VAL A 528 9.74 8.38 -0.32
CA VAL A 528 8.88 9.53 -0.60
C VAL A 528 8.99 10.66 0.42
N GLN A 529 9.14 10.34 1.70
CA GLN A 529 9.18 11.39 2.73
C GLN A 529 10.39 12.27 2.63
N TYR A 530 11.52 11.65 2.32
CA TYR A 530 12.77 12.39 2.05
C TYR A 530 12.55 13.51 1.01
N PHE A 531 11.70 13.23 0.03
CA PHE A 531 11.32 14.21 -0.96
C PHE A 531 10.26 15.21 -0.50
N GLY A 532 9.25 14.83 0.26
CA GLY A 532 8.30 15.83 0.72
C GLY A 532 8.95 16.87 1.61
N GLU A 533 9.95 16.45 2.36
CA GLU A 533 10.74 17.33 3.21
C GLU A 533 11.62 18.31 2.44
N GLN A 534 11.74 18.12 1.12
CA GLN A 534 12.62 18.93 0.30
C GLN A 534 11.92 19.74 -0.81
N LEU A 535 10.66 19.43 -1.14
CA LEU A 535 9.99 20.13 -2.24
C LEU A 535 9.02 21.21 -1.70
N ASN A 536 9.02 22.41 -2.28
CA ASN A 536 7.97 23.38 -1.94
C ASN A 536 6.64 22.75 -2.35
N GLY A 537 5.57 23.12 -1.66
CA GLY A 537 4.26 22.56 -1.90
C GLY A 537 3.82 21.46 -0.93
N PHE A 538 4.77 20.93 -0.16
CA PHE A 538 4.47 19.85 0.79
C PHE A 538 4.24 20.22 2.27
N ALA A 539 3.70 19.27 3.00
CA ALA A 539 3.85 19.19 4.45
C ALA A 539 4.25 17.77 4.83
N PHE A 540 4.76 17.57 6.02
CA PHE A 540 5.08 16.21 6.43
C PHE A 540 5.02 16.04 7.94
N THR A 541 4.75 14.82 8.40
CA THR A 541 4.50 14.54 9.83
C THR A 541 5.73 14.03 10.62
N THR A 542 5.58 14.02 11.93
CA THR A 542 6.53 13.39 12.86
C THR A 542 5.90 12.04 13.24
N ASN A 543 4.80 12.06 13.99
CA ASN A 543 4.09 10.80 14.34
C ASN A 543 2.90 10.45 13.39
N GLY A 544 2.99 10.77 12.10
CA GLY A 544 1.83 10.57 11.18
C GLY A 544 1.79 9.26 10.42
N TRP A 545 1.90 8.14 11.12
CA TRP A 545 2.18 6.82 10.54
C TRP A 545 0.96 6.04 10.10
N VAL A 546 1.04 5.39 8.94
CA VAL A 546 -0.04 4.56 8.45
C VAL A 546 0.56 3.20 8.13
N GLN A 547 -0.17 2.09 8.26
CA GLN A 547 0.40 0.80 7.90
C GLN A 547 0.50 0.58 6.41
N SER A 548 1.64 0.06 5.93
CA SER A 548 1.75 -0.32 4.50
C SER A 548 1.61 -1.84 4.32
N TYR A 549 2.20 -2.61 5.21
CA TYR A 549 1.99 -4.06 5.26
C TYR A 549 2.60 -4.49 6.56
N GLY A 550 2.24 -5.67 7.02
CA GLY A 550 2.72 -6.19 8.30
C GLY A 550 3.08 -5.17 9.37
N SER A 551 4.36 -5.07 9.68
CA SER A 551 4.83 -4.21 10.75
C SER A 551 5.55 -3.02 10.18
N ARG A 552 5.47 -2.82 8.86
CA ARG A 552 6.06 -1.66 8.18
C ARG A 552 5.02 -0.61 7.83
N TYR A 553 5.36 0.61 8.20
CA TYR A 553 4.45 1.69 8.17
C TYR A 553 5.21 2.81 7.55
N VAL A 554 4.46 3.81 7.12
CA VAL A 554 5.00 5.00 6.53
C VAL A 554 4.17 6.16 7.01
N ARG A 555 4.75 7.33 6.93
CA ARG A 555 4.02 8.53 7.21
C ARG A 555 4.14 9.32 5.92
N PRO A 556 3.16 9.11 5.04
CA PRO A 556 3.25 9.71 3.73
C PRO A 556 3.13 11.19 3.92
N PRO A 557 3.82 11.98 3.10
CA PRO A 557 3.70 13.42 3.24
C PRO A 557 2.37 13.90 2.68
N ILE A 558 2.12 15.19 2.80
CA ILE A 558 0.88 15.82 2.32
C ILE A 558 1.17 17.02 1.44
N ILE A 559 0.51 17.00 0.28
CA ILE A 559 0.61 18.03 -0.74
C ILE A 559 -0.41 19.11 -0.48
N VAL A 560 0.04 20.35 -0.25
CA VAL A 560 -0.87 21.45 0.06
C VAL A 560 -0.81 22.63 -0.88
N GLY A 561 0.03 22.57 -1.90
CA GLY A 561 0.22 23.69 -2.83
C GLY A 561 1.05 23.36 -4.06
N ASP A 562 1.45 24.40 -4.78
CA ASP A 562 2.09 24.16 -6.07
C ASP A 562 3.54 23.82 -5.87
N VAL A 563 3.96 22.73 -6.54
CA VAL A 563 5.19 22.01 -6.21
C VAL A 563 6.43 22.42 -7.03
N SER A 564 7.53 22.70 -6.32
CA SER A 564 8.79 23.13 -6.94
C SER A 564 9.99 22.62 -6.14
N ARG A 565 11.15 22.56 -6.79
CA ARG A 565 12.38 22.13 -6.18
C ARG A 565 13.42 23.26 -6.10
N PRO A 566 13.53 23.94 -4.93
CA PRO A 566 14.44 25.09 -4.84
C PRO A 566 15.93 24.77 -4.73
N LYS A 567 16.28 23.56 -4.31
CA LYS A 567 17.68 23.17 -4.15
C LYS A 567 17.88 21.79 -4.71
N ALA A 568 19.12 21.34 -4.72
CA ALA A 568 19.40 19.95 -5.02
C ALA A 568 19.04 19.07 -3.83
N MET A 569 18.46 17.92 -4.11
CA MET A 569 18.01 17.02 -3.06
C MET A 569 19.04 15.91 -2.71
N THR A 570 19.59 15.23 -3.71
CA THR A 570 20.32 13.99 -3.48
C THR A 570 21.73 13.97 -4.02
N VAL A 571 22.24 15.13 -4.41
CA VAL A 571 23.51 15.16 -5.13
C VAL A 571 24.62 14.98 -4.12
N LYS A 572 24.64 15.82 -3.10
CA LYS A 572 25.74 15.77 -2.16
C LYS A 572 26.09 14.30 -1.86
N GLU A 573 25.08 13.45 -1.63
CA GLU A 573 25.33 12.06 -1.22
C GLU A 573 25.85 11.16 -2.34
N SER A 574 25.17 11.16 -3.47
CA SER A 574 25.52 10.25 -4.58
C SER A 574 26.92 10.56 -5.21
N VAL A 575 27.32 11.83 -5.13
CA VAL A 575 28.60 12.28 -5.60
C VAL A 575 29.70 11.75 -4.72
N TYR A 576 29.49 11.79 -3.41
CA TYR A 576 30.44 11.14 -2.51
C TYR A 576 30.45 9.63 -2.80
N ALA A 577 29.27 9.07 -3.00
CA ALA A 577 29.15 7.66 -3.29
C ALA A 577 29.96 7.27 -4.52
N GLN A 578 29.73 8.00 -5.60
CA GLN A 578 30.45 7.73 -6.83
C GLN A 578 31.95 7.95 -6.64
N SER A 579 32.31 8.87 -5.75
CA SER A 579 33.69 9.26 -5.56
C SER A 579 34.58 8.19 -4.97
N ILE A 580 34.00 7.22 -4.27
CA ILE A 580 34.79 6.17 -3.57
C ILE A 580 34.81 4.82 -4.29
N THR A 581 34.14 4.75 -5.43
CA THR A 581 34.14 3.56 -6.19
C THR A 581 34.36 3.90 -7.62
N SER A 582 35.16 3.06 -8.25
CA SER A 582 35.40 3.13 -9.65
C SER A 582 34.15 2.53 -10.35
N LYS A 583 33.36 1.76 -9.60
CA LYS A 583 32.19 1.11 -10.18
C LYS A 583 31.14 2.14 -10.55
N PRO A 584 30.31 1.82 -11.56
CA PRO A 584 29.22 2.70 -11.89
C PRO A 584 28.24 2.75 -10.75
N MET A 585 27.73 3.94 -10.46
CA MET A 585 26.79 4.09 -9.39
C MET A 585 25.52 4.82 -9.79
N LYS A 586 24.43 4.27 -9.27
CA LYS A 586 23.12 4.80 -9.48
C LYS A 586 22.85 5.99 -8.58
N GLY A 587 22.24 7.01 -9.16
CA GLY A 587 21.43 7.94 -8.39
C GLY A 587 20.08 7.29 -8.19
N MET A 588 19.26 7.86 -7.30
CA MET A 588 17.96 7.29 -6.89
C MET A 588 16.99 8.39 -6.64
N LEU A 589 15.97 8.53 -7.46
CA LEU A 589 14.89 9.41 -7.07
C LEU A 589 13.64 8.60 -6.91
N THR A 590 12.54 9.32 -6.72
CA THR A 590 11.22 8.74 -6.82
C THR A 590 10.43 9.47 -7.90
N GLY A 591 10.06 8.73 -8.92
CA GLY A 591 9.30 9.28 -10.03
C GLY A 591 8.07 10.06 -9.56
N PRO A 592 7.49 10.87 -10.46
CA PRO A 592 6.41 11.77 -10.06
C PRO A 592 5.11 11.06 -9.66
N VAL A 593 4.80 9.95 -10.32
CA VAL A 593 3.55 9.31 -10.01
C VAL A 593 3.61 8.70 -8.61
N THR A 594 4.76 8.13 -8.23
CA THR A 594 4.90 7.51 -6.91
C THR A 594 4.87 8.56 -5.82
N ILE A 595 5.48 9.71 -6.05
CA ILE A 595 5.42 10.76 -5.03
C ILE A 595 3.96 11.20 -4.80
N LEU A 596 3.17 11.20 -5.87
CA LEU A 596 1.79 11.59 -5.73
C LEU A 596 1.08 10.52 -4.97
N ARG A 597 1.27 9.30 -5.44
CA ARG A 597 0.43 8.23 -5.00
C ARG A 597 0.69 7.86 -3.58
N TRP A 598 1.90 8.03 -3.11
CA TRP A 598 2.19 7.71 -1.73
C TRP A 598 2.33 8.95 -0.86
N SER A 599 1.70 10.04 -1.31
CA SER A 599 1.42 11.19 -0.48
C SER A 599 -0.07 11.26 -0.34
N PHE A 600 -0.51 12.04 0.65
CA PHE A 600 -1.90 12.51 0.71
C PHE A 600 -2.10 13.66 -0.24
N PRO A 601 -2.88 13.45 -1.31
CA PRO A 601 -3.00 14.45 -2.36
C PRO A 601 -3.86 15.69 -2.02
N ARG A 602 -3.73 16.70 -2.87
CA ARG A 602 -4.43 17.94 -2.63
C ARG A 602 -5.92 17.77 -2.71
N ASP A 603 -6.65 18.63 -2.01
CA ASP A 603 -8.11 18.71 -2.07
C ASP A 603 -8.62 19.46 -3.29
N ASP A 604 -7.94 20.55 -3.64
CA ASP A 604 -8.41 21.48 -4.68
C ASP A 604 -8.37 20.92 -6.09
N VAL A 605 -7.27 20.27 -6.44
CA VAL A 605 -6.87 20.04 -7.83
C VAL A 605 -6.80 18.54 -8.20
N SER A 606 -6.73 18.21 -9.49
CA SER A 606 -6.48 16.83 -9.98
C SER A 606 -5.07 16.32 -9.73
N GLY A 607 -4.92 15.02 -9.82
CA GLY A 607 -3.59 14.40 -9.74
C GLY A 607 -2.80 14.60 -11.01
N LYS A 608 -3.49 14.71 -12.14
CA LYS A 608 -2.78 14.95 -13.39
C LYS A 608 -1.93 16.16 -13.15
N ILE A 609 -2.53 17.23 -12.61
CA ILE A 609 -1.80 18.51 -12.50
C ILE A 609 -0.63 18.35 -11.54
N GLN A 610 -0.87 17.61 -10.47
CA GLN A 610 0.18 17.34 -9.52
C GLN A 610 1.34 16.50 -10.08
N ALA A 611 1.06 15.45 -10.84
CA ALA A 611 2.15 14.64 -11.39
C ALA A 611 3.05 15.52 -12.22
N LEU A 612 2.43 16.26 -13.11
CA LEU A 612 3.16 17.07 -14.05
C LEU A 612 4.12 17.96 -13.29
N GLN A 613 3.59 18.69 -12.30
CA GLN A 613 4.46 19.58 -11.48
C GLN A 613 5.66 18.81 -10.96
N LEU A 614 5.37 17.63 -10.44
CA LEU A 614 6.40 16.78 -9.96
C LEU A 614 7.41 16.43 -11.08
N GLY A 615 6.90 16.14 -12.28
CA GLY A 615 7.76 15.78 -13.40
C GLY A 615 8.73 16.88 -13.69
N LEU A 616 8.20 18.06 -13.97
CA LEU A 616 9.07 19.20 -14.22
C LEU A 616 10.00 19.33 -12.99
N ALA A 617 9.48 19.29 -11.77
CA ALA A 617 10.33 19.50 -10.58
C ALA A 617 11.48 18.50 -10.44
N LEU A 618 11.17 17.26 -10.80
CA LEU A 618 12.10 16.14 -10.71
C LEU A 618 13.09 16.21 -11.85
N ARG A 619 12.70 16.77 -12.98
CA ARG A 619 13.67 17.00 -14.01
C ARG A 619 14.88 17.72 -13.40
N ASP A 620 14.64 18.79 -12.68
CA ASP A 620 15.76 19.61 -12.23
C ASP A 620 16.75 18.83 -11.37
N GLU A 621 16.28 17.83 -10.63
CA GLU A 621 17.17 16.99 -9.87
C GLU A 621 17.94 16.06 -10.81
N VAL A 622 17.19 15.35 -11.66
CA VAL A 622 17.80 14.45 -12.68
C VAL A 622 18.93 15.13 -13.44
N ASN A 623 18.64 16.34 -13.90
CA ASN A 623 19.61 17.08 -14.63
C ASN A 623 20.80 17.40 -13.73
N ASP A 624 20.53 18.00 -12.57
CA ASP A 624 21.59 18.25 -11.59
C ASP A 624 22.50 17.02 -11.35
N LEU A 625 21.90 15.85 -11.16
CA LEU A 625 22.68 14.61 -11.09
C LEU A 625 23.59 14.40 -12.31
N GLU A 626 23.02 14.17 -13.49
CA GLU A 626 23.86 14.03 -14.70
C GLU A 626 25.04 15.03 -14.66
N GLY A 627 24.72 16.30 -14.50
CA GLY A 627 25.74 17.36 -14.45
C GLY A 627 26.78 17.16 -13.37
N ALA A 628 26.37 16.59 -12.23
CA ALA A 628 27.27 16.45 -11.09
C ALA A 628 28.16 15.21 -11.17
N GLY A 629 28.07 14.47 -12.27
CA GLY A 629 28.93 13.32 -12.50
C GLY A 629 28.16 12.01 -12.53
N ILE A 630 26.93 12.00 -12.01
CA ILE A 630 26.17 10.76 -11.81
C ILE A 630 25.39 10.39 -13.07
N THR A 631 26.02 9.61 -13.95
CA THR A 631 25.46 9.33 -15.29
C THR A 631 24.67 8.03 -15.38
N VAL A 632 24.54 7.33 -14.26
CA VAL A 632 23.61 6.20 -14.16
C VAL A 632 22.65 6.54 -13.05
N ILE A 633 21.36 6.51 -13.40
CA ILE A 633 20.32 7.05 -12.53
C ILE A 633 19.06 6.19 -12.55
N GLN A 634 18.50 5.97 -11.34
CA GLN A 634 17.27 5.21 -11.16
C GLN A 634 16.20 6.14 -10.64
N VAL A 635 15.06 6.12 -11.30
CA VAL A 635 13.91 6.84 -10.85
C VAL A 635 12.82 5.83 -10.60
N ASP A 636 12.47 5.62 -9.33
CA ASP A 636 11.51 4.56 -9.04
C ASP A 636 10.11 5.04 -9.43
N GLU A 637 9.27 4.14 -10.01
CA GLU A 637 7.83 4.40 -10.23
C GLU A 637 6.86 3.30 -9.81
N PRO A 638 7.04 2.76 -8.61
CA PRO A 638 6.25 1.57 -8.24
C PRO A 638 4.72 1.69 -8.14
N ALA A 639 4.17 2.91 -8.06
CA ALA A 639 2.72 3.11 -7.90
C ALA A 639 1.97 3.25 -9.21
N ILE A 640 2.68 3.08 -10.32
CA ILE A 640 2.14 3.32 -11.66
C ILE A 640 0.87 2.49 -11.92
N ARG A 641 0.85 1.23 -11.48
CA ARG A 641 -0.35 0.38 -11.51
C ARG A 641 -1.34 0.72 -10.36
N GLU A 642 -0.83 0.88 -9.15
CA GLU A 642 -1.65 1.26 -8.00
C GLU A 642 -2.56 2.41 -8.41
N GLY A 643 -1.95 3.47 -8.94
CA GLY A 643 -2.66 4.71 -9.26
C GLY A 643 -3.67 4.68 -10.38
N LEU A 644 -3.62 3.61 -11.18
CA LEU A 644 -4.63 3.28 -12.18
C LEU A 644 -6.05 3.39 -11.60
N PRO A 645 -6.95 4.13 -12.27
CA PRO A 645 -8.36 4.18 -11.91
C PRO A 645 -9.04 2.82 -11.88
N LEU A 646 -10.02 2.65 -10.99
CA LEU A 646 -10.58 1.33 -10.69
C LEU A 646 -11.53 0.81 -11.74
N ARG A 647 -11.61 1.50 -12.89
CA ARG A 647 -12.62 1.18 -13.87
C ARG A 647 -12.26 1.76 -15.25
N ALA A 648 -12.33 0.88 -16.25
CA ALA A 648 -12.10 1.23 -17.64
C ALA A 648 -13.02 2.36 -18.11
N GLY A 649 -12.45 3.25 -18.92
CA GLY A 649 -13.14 4.44 -19.42
C GLY A 649 -12.24 5.66 -19.52
N LYS A 650 -12.85 6.80 -19.84
CA LYS A 650 -12.16 8.07 -19.99
C LYS A 650 -11.07 8.28 -18.96
N GLU A 651 -11.39 8.12 -17.68
CA GLU A 651 -10.44 8.50 -16.66
C GLU A 651 -9.19 7.63 -16.69
N ARG A 652 -9.35 6.33 -16.91
CA ARG A 652 -8.16 5.43 -16.96
C ARG A 652 -7.21 5.68 -18.15
N SER A 653 -7.78 5.75 -19.35
CA SER A 653 -6.98 6.01 -20.53
C SER A 653 -6.29 7.39 -20.50
N ASP A 654 -6.87 8.37 -19.83
CA ASP A 654 -6.13 9.58 -19.52
C ASP A 654 -4.98 9.28 -18.59
N TYR A 655 -5.28 8.56 -17.51
CA TYR A 655 -4.26 8.24 -16.50
C TYR A 655 -3.05 7.68 -17.22
N LEU A 656 -3.31 6.72 -18.11
CA LEU A 656 -2.23 6.03 -18.75
C LEU A 656 -1.31 7.04 -19.43
N ASN A 657 -1.93 7.97 -20.17
CA ASN A 657 -1.16 8.96 -20.94
C ASN A 657 -0.38 9.96 -20.08
N TRP A 658 -1.02 10.69 -19.17
CA TRP A 658 -0.26 11.65 -18.35
C TRP A 658 0.72 11.01 -17.35
N ALA A 659 0.31 9.89 -16.75
CA ALA A 659 1.16 9.20 -15.80
C ALA A 659 2.55 8.87 -16.34
N ALA A 660 2.60 8.29 -17.54
CA ALA A 660 3.88 8.05 -18.21
C ALA A 660 4.55 9.35 -18.63
N GLN A 661 3.78 10.27 -19.17
CA GLN A 661 4.33 11.54 -19.63
C GLN A 661 5.13 12.26 -18.53
N SER A 662 4.57 12.31 -17.33
CA SER A 662 5.23 13.01 -16.24
C SER A 662 6.54 12.34 -15.93
N PHE A 663 6.53 11.00 -15.85
CA PHE A 663 7.76 10.22 -15.66
C PHE A 663 8.74 10.60 -16.73
N ARG A 664 8.26 10.53 -17.96
CA ARG A 664 9.10 10.82 -19.10
C ARG A 664 9.63 12.24 -19.04
N VAL A 665 8.88 13.13 -18.41
CA VAL A 665 9.30 14.51 -18.28
C VAL A 665 10.53 14.57 -17.41
N ALA A 666 10.52 13.89 -16.28
CA ALA A 666 11.67 13.94 -15.40
C ALA A 666 12.87 13.19 -15.94
N THR A 667 12.75 12.51 -17.08
CA THR A 667 13.82 11.64 -17.55
C THR A 667 14.20 11.85 -19.01
N SER A 668 13.61 12.82 -19.69
CA SER A 668 13.80 12.87 -21.13
C SER A 668 14.80 13.95 -21.56
N GLY A 669 15.47 14.57 -20.60
CA GLY A 669 16.53 15.55 -20.92
C GLY A 669 17.94 14.98 -20.92
N VAL A 670 18.04 13.70 -20.58
CA VAL A 670 19.32 13.06 -20.31
C VAL A 670 20.06 12.82 -21.63
N GLU A 671 21.38 12.67 -21.56
CA GLU A 671 22.18 12.28 -22.72
C GLU A 671 21.95 10.80 -22.96
N ASN A 672 22.22 10.31 -24.16
CA ASN A 672 22.05 8.88 -24.44
C ASN A 672 22.96 7.98 -23.60
N SER A 673 24.18 8.47 -23.35
CA SER A 673 25.23 7.81 -22.52
C SER A 673 24.83 7.56 -21.07
N THR A 674 23.78 8.24 -20.61
CA THR A 674 23.19 8.13 -19.28
C THR A 674 22.17 6.98 -19.25
N GLN A 675 22.19 6.22 -18.16
CA GLN A 675 21.37 5.03 -18.03
C GLN A 675 20.28 5.24 -17.02
N ILE A 676 19.05 5.46 -17.54
CA ILE A 676 17.84 5.69 -16.71
C ILE A 676 17.31 4.31 -16.34
N HIS A 677 17.16 4.07 -15.06
CA HIS A 677 16.58 2.83 -14.53
C HIS A 677 15.23 3.10 -13.86
N SER A 678 14.35 2.11 -13.85
CA SER A 678 13.20 2.13 -12.95
C SER A 678 12.93 0.85 -12.16
N HIS A 679 11.77 0.81 -11.52
CA HIS A 679 11.43 -0.24 -10.57
C HIS A 679 9.95 -0.21 -10.24
N PHE A 680 9.39 -1.41 -10.10
CA PHE A 680 7.97 -1.60 -9.84
C PHE A 680 7.80 -2.86 -9.05
N CYS A 681 6.78 -2.88 -8.20
CA CYS A 681 6.70 -3.94 -7.23
C CYS A 681 5.38 -3.99 -6.52
N TYR A 682 5.05 -5.18 -6.02
CA TYR A 682 3.85 -5.48 -5.24
C TYR A 682 2.54 -4.97 -5.86
N SER A 683 2.35 -5.28 -7.14
CA SER A 683 1.22 -4.81 -7.91
C SER A 683 0.94 -5.73 -9.08
N ASP A 684 -0.25 -5.65 -9.64
CA ASP A 684 -0.62 -6.38 -10.85
C ASP A 684 -0.15 -5.57 -12.07
N LEU A 685 1.14 -5.67 -12.37
CA LEU A 685 1.77 -4.76 -13.27
C LEU A 685 1.28 -4.97 -14.69
N ASP A 686 1.10 -3.85 -15.38
CA ASP A 686 0.71 -3.87 -16.76
C ASP A 686 1.96 -3.47 -17.56
N PRO A 687 2.64 -4.47 -18.17
CA PRO A 687 3.84 -4.24 -18.98
C PRO A 687 3.70 -3.16 -20.04
N ASN A 688 2.57 -3.17 -20.75
CA ASN A 688 2.36 -2.23 -21.85
C ASN A 688 2.53 -0.81 -21.32
N HIS A 689 2.06 -0.52 -20.11
CA HIS A 689 2.19 0.81 -19.52
C HIS A 689 3.60 1.07 -19.04
N ILE A 690 4.18 0.09 -18.38
CA ILE A 690 5.60 0.15 -18.01
C ILE A 690 6.44 0.48 -19.25
N LYS A 691 6.16 -0.17 -20.37
CA LYS A 691 6.92 0.09 -21.61
C LYS A 691 6.89 1.55 -22.05
N ALA A 692 5.73 2.22 -21.92
CA ALA A 692 5.60 3.66 -22.27
C ALA A 692 6.65 4.57 -21.64
N LEU A 693 7.23 4.16 -20.51
CA LEU A 693 8.25 4.95 -19.85
C LEU A 693 9.59 4.91 -20.60
N ASP A 694 9.73 4.06 -21.63
CA ASP A 694 10.97 3.87 -22.44
C ASP A 694 12.20 4.01 -21.58
N ALA A 695 12.19 3.36 -20.43
CA ALA A 695 13.35 3.37 -19.59
C ALA A 695 14.29 2.32 -20.14
N ASP A 696 15.56 2.44 -19.83
CA ASP A 696 16.53 1.52 -20.40
C ASP A 696 16.43 0.18 -19.70
N VAL A 697 16.39 0.23 -18.37
CA VAL A 697 16.48 -0.97 -17.55
C VAL A 697 15.50 -0.83 -16.39
N VAL A 698 14.83 -1.93 -16.03
CA VAL A 698 13.89 -1.93 -14.93
C VAL A 698 14.05 -3.15 -14.04
N SER A 699 13.43 -3.06 -12.85
CA SER A 699 13.42 -4.12 -11.86
C SER A 699 11.97 -4.50 -11.57
N ILE A 700 11.58 -5.74 -11.79
CA ILE A 700 10.19 -6.15 -11.57
C ILE A 700 10.07 -7.25 -10.50
N GLU A 701 9.48 -6.91 -9.34
CA GLU A 701 9.12 -7.87 -8.26
C GLU A 701 8.39 -9.09 -8.84
N PHE A 702 8.98 -10.26 -8.59
CA PHE A 702 8.61 -11.49 -9.24
C PHE A 702 8.65 -12.68 -8.33
N SER A 703 9.65 -12.77 -7.45
CA SER A 703 9.80 -13.97 -6.62
C SER A 703 8.67 -14.13 -5.61
N LYS A 704 8.49 -13.16 -4.72
CA LYS A 704 7.46 -13.22 -3.66
C LYS A 704 6.08 -13.39 -4.21
N LYS A 705 5.69 -12.49 -5.10
CA LYS A 705 4.53 -12.73 -5.91
C LYS A 705 4.88 -13.98 -6.73
N ASP A 706 4.06 -15.02 -6.68
CA ASP A 706 4.43 -16.23 -7.39
C ASP A 706 3.75 -16.27 -8.73
N ASP A 707 3.83 -15.16 -9.47
CA ASP A 707 2.88 -14.97 -10.57
C ASP A 707 3.23 -15.94 -11.69
N PRO A 708 2.22 -16.71 -12.15
CA PRO A 708 2.54 -17.66 -13.20
C PRO A 708 2.69 -17.01 -14.57
N ASN A 709 2.15 -15.83 -14.75
CA ASN A 709 2.07 -15.28 -16.09
C ASN A 709 3.08 -14.20 -16.40
N TYR A 710 3.49 -13.45 -15.40
CA TYR A 710 4.50 -12.43 -15.56
C TYR A 710 5.55 -12.72 -16.66
N ILE A 711 5.99 -13.97 -16.77
CA ILE A 711 6.97 -14.36 -17.80
C ILE A 711 6.39 -14.20 -19.20
N GLN A 712 5.26 -14.85 -19.46
CA GLN A 712 4.60 -14.68 -20.74
C GLN A 712 4.34 -13.20 -20.96
N GLU A 713 3.66 -12.58 -20.00
CA GLU A 713 3.08 -11.23 -20.19
C GLU A 713 4.13 -10.15 -20.45
N PHE A 714 5.34 -10.43 -19.98
CA PHE A 714 6.51 -9.61 -20.31
C PHE A 714 7.37 -10.28 -21.44
N SER A 715 6.77 -11.10 -22.31
CA SER A 715 7.56 -11.79 -23.35
C SER A 715 8.11 -10.76 -24.30
N GLU A 716 7.33 -9.71 -24.53
CA GLU A 716 7.57 -8.78 -25.60
C GLU A 716 8.22 -7.45 -25.19
N TYR A 717 8.69 -7.34 -23.95
CA TYR A 717 9.22 -6.06 -23.45
C TYR A 717 10.49 -5.67 -24.19
N PRO A 718 10.48 -4.50 -24.84
CA PRO A 718 11.50 -4.10 -25.79
C PRO A 718 12.82 -3.64 -25.21
N ASN A 719 12.79 -3.09 -23.99
CA ASN A 719 13.99 -2.59 -23.35
C ASN A 719 14.53 -3.61 -22.36
N HIS A 720 15.59 -3.27 -21.66
CA HIS A 720 16.22 -4.20 -20.74
C HIS A 720 15.42 -4.35 -19.46
N ILE A 721 15.71 -5.43 -18.72
CA ILE A 721 14.85 -5.86 -17.62
C ILE A 721 15.50 -6.89 -16.71
N GLY A 722 15.24 -6.71 -15.41
CA GLY A 722 15.56 -7.72 -14.37
C GLY A 722 14.35 -8.11 -13.56
N LEU A 723 13.83 -9.30 -13.86
CA LEU A 723 12.80 -9.93 -13.02
C LEU A 723 13.46 -10.38 -11.73
N GLY A 724 12.76 -10.10 -10.64
CA GLY A 724 13.35 -10.17 -9.30
C GLY A 724 13.55 -11.58 -8.80
N LEU A 725 14.74 -11.83 -8.28
CA LEU A 725 15.19 -13.20 -8.11
C LEU A 725 14.98 -13.76 -6.73
N PHE A 726 14.75 -12.92 -5.74
CA PHE A 726 14.41 -13.43 -4.43
C PHE A 726 13.56 -12.50 -3.60
N ASP A 727 12.81 -13.07 -2.65
CA ASP A 727 11.83 -12.29 -1.88
C ASP A 727 12.52 -11.51 -0.78
N ILE A 728 12.62 -10.18 -0.95
CA ILE A 728 13.32 -9.35 0.01
C ILE A 728 12.54 -9.06 1.28
N HIS A 729 11.31 -9.52 1.40
CA HIS A 729 10.57 -9.30 2.66
C HIS A 729 10.54 -10.51 3.58
N SER A 730 11.37 -11.51 3.29
CA SER A 730 11.59 -12.60 4.20
C SER A 730 13.07 -12.68 4.61
N PRO A 731 13.30 -12.95 5.90
CA PRO A 731 14.65 -13.22 6.38
C PRO A 731 15.24 -14.49 5.81
N ARG A 732 14.42 -15.35 5.22
CA ARG A 732 14.91 -16.46 4.40
C ARG A 732 16.10 -16.10 3.52
N ILE A 733 17.10 -16.97 3.55
CA ILE A 733 18.21 -16.89 2.67
C ILE A 733 18.02 -17.98 1.64
N PRO A 734 17.89 -17.58 0.37
CA PRO A 734 17.72 -18.56 -0.67
C PRO A 734 19.05 -19.18 -1.05
N SER A 735 19.04 -20.48 -1.38
CA SER A 735 20.20 -21.20 -1.91
C SER A 735 20.68 -20.49 -3.17
N LYS A 736 21.99 -20.47 -3.40
CA LYS A 736 22.52 -20.22 -4.74
C LYS A 736 21.70 -21.01 -5.78
N GLN A 737 21.23 -22.20 -5.37
CA GLN A 737 20.44 -23.09 -6.25
C GLN A 737 19.10 -22.53 -6.65
N GLU A 738 18.39 -21.90 -5.72
CA GLU A 738 17.09 -21.32 -6.01
C GLU A 738 17.19 -20.15 -6.99
N PHE A 739 18.35 -19.48 -7.00
CA PHE A 739 18.63 -18.43 -7.98
C PHE A 739 18.74 -19.06 -9.36
N VAL A 740 19.63 -20.03 -9.51
CA VAL A 740 19.82 -20.77 -10.78
C VAL A 740 18.53 -21.22 -11.46
N SER A 741 17.66 -21.84 -10.68
CA SER A 741 16.37 -22.38 -11.15
C SER A 741 15.57 -21.29 -11.84
N ARG A 742 15.31 -20.22 -11.09
CA ARG A 742 14.59 -19.07 -11.59
C ARG A 742 15.17 -18.53 -12.86
N ILE A 743 16.49 -18.43 -12.89
CA ILE A 743 17.16 -17.90 -14.03
C ILE A 743 16.88 -18.80 -15.21
N GLU A 744 17.31 -20.06 -15.12
CA GLU A 744 17.04 -21.06 -16.17
C GLU A 744 15.63 -20.94 -16.67
N GLU A 745 14.69 -20.75 -15.74
CA GLU A 745 13.27 -20.66 -16.05
C GLU A 745 12.94 -19.46 -16.94
N ILE A 746 13.54 -18.33 -16.62
CA ILE A 746 13.31 -17.10 -17.37
C ILE A 746 13.97 -17.19 -18.73
N LEU A 747 15.24 -17.58 -18.74
CA LEU A 747 15.98 -17.75 -19.98
C LEU A 747 15.25 -18.60 -21.00
N LYS A 748 14.32 -19.46 -20.59
CA LYS A 748 13.54 -20.19 -21.56
C LYS A 748 12.59 -19.35 -22.41
N VAL A 749 12.23 -18.15 -21.99
CA VAL A 749 11.38 -17.28 -22.82
C VAL A 749 12.07 -16.00 -23.29
N TYR A 750 13.13 -15.57 -22.59
CA TYR A 750 13.83 -14.28 -22.78
C TYR A 750 15.27 -14.50 -23.25
N PRO A 751 15.81 -13.63 -24.12
CA PRO A 751 17.22 -13.77 -24.46
C PRO A 751 18.10 -13.12 -23.40
N ALA A 752 19.32 -13.66 -23.26
CA ALA A 752 20.25 -13.23 -22.22
C ALA A 752 20.77 -11.80 -22.39
N SER A 753 20.80 -11.33 -23.65
CA SER A 753 21.28 -9.98 -24.00
C SER A 753 20.40 -8.84 -23.47
N LYS A 754 19.31 -9.19 -22.77
CA LYS A 754 18.41 -8.26 -22.11
C LYS A 754 18.41 -8.42 -20.59
N PHE A 755 18.57 -9.65 -20.10
CA PHE A 755 18.32 -9.98 -18.72
C PHE A 755 19.34 -9.39 -17.74
N TRP A 756 18.84 -8.69 -16.73
CA TRP A 756 19.64 -8.24 -15.58
C TRP A 756 19.28 -9.09 -14.37
N VAL A 757 20.14 -9.08 -13.35
CA VAL A 757 19.88 -9.93 -12.18
C VAL A 757 19.82 -9.08 -10.91
N ASN A 758 18.71 -9.18 -10.20
CA ASN A 758 18.54 -8.37 -9.02
C ASN A 758 17.50 -8.94 -8.07
N PRO A 759 17.35 -8.33 -6.90
CA PRO A 759 16.33 -8.78 -5.97
C PRO A 759 14.94 -8.28 -6.33
N ASP A 760 13.92 -8.66 -5.60
CA ASP A 760 12.55 -8.21 -5.92
C ASP A 760 12.39 -6.72 -5.68
N CYS A 761 13.06 -6.21 -4.66
CA CYS A 761 12.92 -4.81 -4.22
C CYS A 761 14.11 -4.50 -3.32
N GLY A 762 13.98 -3.47 -2.48
CA GLY A 762 15.07 -2.95 -1.65
C GLY A 762 15.30 -3.74 -0.40
N LEU A 763 16.26 -3.25 0.42
CA LEU A 763 16.82 -4.00 1.58
C LEU A 763 16.78 -3.24 2.91
N LYS A 764 15.99 -2.19 3.00
CA LYS A 764 15.80 -1.48 4.27
C LYS A 764 15.40 -2.38 5.44
N THR A 765 14.40 -3.21 5.21
CA THR A 765 13.80 -4.03 6.26
C THR A 765 14.64 -5.24 6.62
N ARG A 766 15.57 -5.56 5.74
CA ARG A 766 16.40 -6.71 5.92
C ARG A 766 17.52 -6.48 6.92
N GLY A 767 18.00 -7.53 7.58
CA GLY A 767 19.17 -7.45 8.45
C GLY A 767 20.41 -7.75 7.65
N TRP A 768 21.58 -7.44 8.20
CA TRP A 768 22.84 -7.59 7.43
C TRP A 768 23.30 -8.99 7.14
N PRO A 769 23.10 -9.91 8.09
CA PRO A 769 23.58 -11.29 7.90
C PRO A 769 23.08 -11.91 6.61
N GLU A 770 21.77 -11.77 6.38
CA GLU A 770 21.09 -12.39 5.25
C GLU A 770 21.23 -11.58 3.99
N VAL A 771 21.42 -10.29 4.13
CA VAL A 771 21.77 -9.45 3.00
C VAL A 771 23.06 -9.98 2.40
N LYS A 772 24.06 -10.18 3.24
CA LYS A 772 25.38 -10.59 2.78
C LYS A 772 25.30 -11.88 2.02
N GLU A 773 24.73 -12.90 2.68
CA GLU A 773 24.76 -14.26 2.15
C GLU A 773 23.86 -14.40 0.92
N SER A 774 22.72 -13.72 0.94
CA SER A 774 21.80 -13.84 -0.17
C SER A 774 22.26 -13.10 -1.45
N LEU A 775 23.05 -12.05 -1.31
CA LEU A 775 23.54 -11.35 -2.48
C LEU A 775 24.74 -12.12 -2.96
N THR A 776 25.59 -12.54 -2.02
CA THR A 776 26.71 -13.38 -2.36
C THR A 776 26.25 -14.59 -3.21
N ASN A 777 25.11 -15.17 -2.86
CA ASN A 777 24.57 -16.24 -3.67
C ASN A 777 24.10 -15.71 -5.01
N MET A 778 23.25 -14.69 -5.00
CA MET A 778 22.79 -14.08 -6.25
C MET A 778 23.94 -13.91 -7.23
N VAL A 779 25.02 -13.30 -6.76
CA VAL A 779 26.13 -12.91 -7.61
C VAL A 779 26.87 -14.15 -8.08
N GLU A 780 27.19 -15.01 -7.12
CA GLU A 780 27.82 -16.31 -7.38
C GLU A 780 27.07 -17.03 -8.53
N ALA A 781 25.75 -16.92 -8.51
CA ALA A 781 24.86 -17.56 -9.48
C ALA A 781 24.90 -16.88 -10.81
N ALA A 782 24.77 -15.56 -10.81
CA ALA A 782 24.94 -14.81 -12.04
C ALA A 782 26.23 -15.22 -12.74
N LYS A 783 27.32 -15.24 -11.97
CA LYS A 783 28.65 -15.60 -12.47
C LYS A 783 28.71 -16.95 -13.22
N GLU A 784 27.87 -17.91 -12.86
CA GLU A 784 27.82 -19.18 -13.58
C GLU A 784 27.26 -19.02 -14.98
N PHE A 785 26.10 -18.38 -15.11
CA PHE A 785 25.46 -18.19 -16.41
C PHE A 785 26.32 -17.32 -17.33
N ARG A 786 27.07 -16.41 -16.71
CA ARG A 786 28.11 -15.61 -17.37
C ARG A 786 29.06 -16.48 -18.19
N ALA A 787 29.65 -17.46 -17.53
CA ALA A 787 30.67 -18.30 -18.13
C ALA A 787 30.11 -19.41 -19.05
N LYS A 788 28.89 -19.89 -18.80
CA LYS A 788 28.25 -20.89 -19.69
C LYS A 788 27.99 -20.32 -21.09
N TYR A 789 27.61 -19.05 -21.16
CA TYR A 789 27.42 -18.33 -22.43
C TYR A 789 28.75 -17.84 -22.98
N HCS B . 14.47 2.15 -3.99
CA HCS B . 13.50 1.64 -3.03
CB HCS B . 12.44 0.80 -3.74
CG HCS B . 11.33 0.34 -2.81
SD HCS B . 9.91 -0.12 -3.83
C HCS B . 14.26 0.83 -2.02
OXT HCS B . 15.34 0.20 -2.50
O HCS B . 13.93 0.79 -0.83
ZN ZN C . 9.80 -1.88 -4.63
P PO4 D . 9.81 -7.43 6.41
O1 PO4 D . 8.84 -8.59 6.52
O2 PO4 D . 10.44 -7.34 5.06
O3 PO4 D . 10.83 -7.66 7.49
O4 PO4 D . 9.08 -6.13 6.63
P PO4 E . 5.44 -4.90 -23.44
O1 PO4 E . 5.63 -6.40 -23.39
O2 PO4 E . 3.97 -4.55 -23.64
O3 PO4 E . 6.00 -4.31 -22.20
O4 PO4 E . 6.37 -4.44 -24.51
N7 39S F . 5.77 2.70 0.09
C23 39S F . 6.67 3.54 0.69
N6 39S F . 6.21 4.73 1.17
N5 39S F . 7.97 3.25 0.83
C22 39S F . 8.49 2.10 0.40
O5 39S F . 9.73 1.88 0.54
C21 39S F . 7.57 1.14 -0.26
N8 39S F . 7.97 -0.10 -0.80
C18 39S F . 6.92 -1.13 -0.76
C19 39S F . 5.71 -0.58 -1.48
N4 39S F . 5.31 0.71 -0.96
C20 39S F . 6.18 1.53 -0.38
C17 39S F . 6.58 -1.68 0.62
N3 39S F . 6.31 -0.67 1.65
C13 39S F . 8.77 0.36 4.88
C26 39S F . 9.23 -0.47 3.89
C25 39S F . 8.43 -0.81 2.81
C16 39S F . 7.14 -0.33 2.69
C15 39S F . 6.67 0.48 3.70
C14 39S F . 7.48 0.83 4.77
C12 39S F . 9.69 0.69 6.02
O4 39S F . 10.84 0.22 5.98
N2 39S F . 9.28 1.39 7.07
C11 39S F . 10.10 1.42 8.28
C27 39S F . 9.27 0.83 9.37
O7 39S F . 9.61 -0.25 9.83
C10 39S F . 10.63 2.78 8.70
C9 39S F . 10.51 3.86 7.62
C8 39S F . 10.79 5.24 8.20
O3 39S F . 9.98 6.12 7.96
O6 39S F . 8.17 1.47 9.81
N1 39S F . 11.90 5.35 8.98
C7 39S F . 12.25 6.49 9.81
C28 39S F . 13.74 6.90 9.79
O8 39S F . 14.66 6.09 9.27
C6 39S F . 11.74 6.13 11.24
C5 39S F . 12.79 6.20 12.36
C4 39S F . 12.24 5.89 13.74
O2 39S F . 11.41 5.05 13.92
O9 39S F . 14.18 7.95 10.24
N 39S F . 12.72 6.63 14.74
C 39S F . 12.21 6.58 16.11
C29 39S F . 10.82 7.16 16.28
O11 39S F . 10.14 6.85 17.25
C1 39S F . 13.16 7.33 17.03
C2 39S F . 14.57 6.76 16.97
C3 39S F . 14.49 5.31 17.34
O 39S F . 14.79 4.38 16.41
O1 39S F . 14.14 5.01 18.49
O10 39S F . 10.31 8.01 15.39
#